data_6X1U
#
_entry.id   6X1U
#
_cell.length_a   67.061
_cell.length_b   86.111
_cell.length_c   167.270
_cell.angle_alpha   90.00
_cell.angle_beta   90.00
_cell.angle_gamma   90.00
#
_symmetry.space_group_name_H-M   'P 21 21 21'
#
loop_
_entity.id
_entity.type
_entity.pdbx_description
1 polymer 'SC39-4 Heavy chain'
2 polymer 'SC39-4 Light chain'
3 polymer 'ACLYana-3-pTza peptide'
4 non-polymer 1,2-ETHANEDIOL
5 non-polymer 'ACETATE ION'
6 water water
#
loop_
_entity_poly.entity_id
_entity_poly.type
_entity_poly.pdbx_seq_one_letter_code
_entity_poly.pdbx_strand_id
1 'polypeptide(L)'
;(PCA)SVEESGGRLVTPGGSLTLTCTVSGFSLSRYNMGWVRQAPGKGLEWIGWIPFRGSLKYATWATGRFTISRTSTTVD
LRMTGLTAADTATYFCVRSSDGFDLWGPGTLVTISSSSGQPKAPSVFPLAPCCGDTPSSTVTLGCLVKGYLPEPVTVTWN
SGTLTNGVRTFPSVRQSSGLYSLSSVVSVTSSSQPVTCNVAHPATNTKVDKTVAPSTCSHHHHHH
;
H,A
2 'polypeptide(L)'
;DMTQTPASVEAVVGGTVTIKCQASRDTGDGLIWYQQKPGQPPKRLIYKASTVASGVPSRFKGRGSGTDFTLTISDLECAD
AATYYCHSNFYNRWTYGNAFGGGTEVVVKGDPVAPTVLIFPPAADQVATGTVTIVCVANKYFPDVTVTWEVDGTTQTTGI
ENSKTPQNSADCTYNLSSTLTLTSTQYNSHKEYTCKVTQGTTSVVQSFNRGDC
;
L,B
3 'polypeptide(L)' AGAG(UKD)AGAG D,C
#
# COMPACT_ATOMS: atom_id res chain seq x y z
N SER A 2 3.37 -8.87 4.37
CA SER A 2 4.41 -8.10 5.03
C SER A 2 5.13 -9.00 6.04
N VAL A 3 6.27 -8.54 6.58
CA VAL A 3 6.99 -9.28 7.62
C VAL A 3 7.34 -8.27 8.71
N GLU A 4 7.54 -8.77 9.93
CA GLU A 4 7.89 -7.90 11.04
C GLU A 4 8.80 -8.62 12.04
N GLU A 5 9.88 -7.94 12.43
CA GLU A 5 10.84 -8.45 13.40
C GLU A 5 10.46 -8.01 14.79
N SER A 6 10.87 -8.82 15.77
CA SER A 6 10.75 -8.42 17.15
C SER A 6 11.93 -8.99 17.92
N GLY A 7 12.24 -8.32 19.03
CA GLY A 7 13.14 -8.87 20.04
C GLY A 7 14.38 -8.06 20.30
N GLY A 8 14.61 -7.00 19.52
CA GLY A 8 15.79 -6.18 19.70
C GLY A 8 15.81 -5.50 21.06
N ARG A 9 16.99 -5.43 21.66
CA ARG A 9 17.15 -4.78 22.96
C ARG A 9 18.63 -4.57 23.21
N LEU A 10 18.94 -3.95 24.34
CA LEU A 10 20.31 -3.94 24.82
C LEU A 10 20.71 -5.33 25.26
N VAL A 11 21.91 -5.74 24.89
CA VAL A 11 22.44 -7.06 25.24
C VAL A 11 23.77 -6.88 25.95
N THR A 12 23.97 -7.62 27.04
CA THR A 12 25.26 -7.53 27.73
C THR A 12 26.35 -8.19 26.86
N PRO A 13 27.56 -7.65 26.85
CA PRO A 13 28.60 -8.25 26.00
C PRO A 13 28.78 -9.73 26.28
N GLY A 14 28.94 -10.50 25.21
CA GLY A 14 29.01 -11.95 25.25
C GLY A 14 27.67 -12.64 25.34
N GLY A 15 26.57 -11.88 25.44
CA GLY A 15 25.26 -12.46 25.67
C GLY A 15 24.63 -13.00 24.40
N SER A 16 23.46 -13.59 24.57
CA SER A 16 22.69 -14.24 23.50
C SER A 16 21.37 -13.52 23.31
N LEU A 17 20.78 -13.66 22.12
CA LEU A 17 19.53 -13.00 21.84
C LEU A 17 18.88 -13.73 20.67
N THR A 18 17.56 -13.95 20.77
CA THR A 18 16.77 -14.52 19.68
C THR A 18 15.82 -13.47 19.12
N LEU A 19 15.92 -13.20 17.82
CA LEU A 19 14.93 -12.36 17.13
C LEU A 19 13.90 -13.24 16.45
N THR A 20 12.68 -12.69 16.31
CA THR A 20 11.58 -13.40 15.70
C THR A 20 10.99 -12.58 14.57
N CYS A 21 10.68 -13.26 13.48
CA CYS A 21 10.05 -12.64 12.34
C CYS A 21 8.66 -13.25 12.23
N THR A 22 7.63 -12.40 12.22
CA THR A 22 6.25 -12.86 12.08
CA THR A 22 6.26 -12.87 12.08
C THR A 22 5.76 -12.44 10.72
N VAL A 23 5.09 -13.34 10.02
CA VAL A 23 4.65 -12.97 8.67
C VAL A 23 3.15 -12.76 8.62
N SER A 24 2.74 -12.07 7.55
CA SER A 24 1.32 -11.80 7.33
C SER A 24 1.04 -11.84 5.83
N GLY A 25 -0.01 -12.57 5.42
CA GLY A 25 -0.47 -12.52 4.03
C GLY A 25 0.14 -13.52 3.07
N PHE A 26 0.95 -14.46 3.54
CA PHE A 26 1.51 -15.49 2.68
C PHE A 26 1.86 -16.65 3.57
N SER A 27 2.23 -17.77 2.96
CA SER A 27 2.55 -19.01 3.66
C SER A 27 4.04 -19.28 3.69
N LEU A 28 4.60 -19.47 4.88
CA LEU A 28 6.01 -19.80 5.05
C LEU A 28 6.39 -21.12 4.44
N SER A 29 5.43 -21.99 4.21
CA SER A 29 5.74 -23.21 3.48
C SER A 29 5.89 -23.02 1.99
N ARG A 30 5.59 -21.83 1.45
CA ARG A 30 5.73 -21.64 0.02
C ARG A 30 6.74 -20.56 -0.32
N TYR A 31 7.41 -19.98 0.67
CA TYR A 31 8.36 -18.88 0.45
C TYR A 31 9.64 -19.09 1.23
N ASN A 32 10.77 -18.76 0.60
CA ASN A 32 12.03 -18.61 1.31
C ASN A 32 12.03 -17.33 2.16
N MET A 33 12.92 -17.31 3.14
CA MET A 33 13.04 -16.16 4.05
C MET A 33 14.53 -15.94 4.33
N GLY A 34 14.83 -14.77 4.89
CA GLY A 34 16.21 -14.54 5.30
C GLY A 34 16.35 -13.48 6.38
N TRP A 35 17.59 -13.22 6.74
CA TRP A 35 17.96 -12.17 7.67
C TRP A 35 19.12 -11.35 7.11
N VAL A 36 19.07 -10.03 7.34
CA VAL A 36 20.03 -9.03 6.87
C VAL A 36 20.28 -8.12 8.06
N ARG A 37 21.50 -7.58 8.21
CA ARG A 37 21.66 -6.53 9.22
C ARG A 37 22.35 -5.30 8.62
N GLN A 38 22.25 -4.20 9.35
CA GLN A 38 22.89 -2.99 8.87
C GLN A 38 23.34 -2.17 10.06
N ALA A 39 24.66 -2.05 10.24
CA ALA A 39 25.21 -1.18 11.28
C ALA A 39 25.02 0.28 10.89
N PRO A 40 24.98 1.17 11.89
CA PRO A 40 24.72 2.59 11.56
C PRO A 40 25.75 3.12 10.59
N GLY A 41 25.28 3.73 9.51
CA GLY A 41 26.15 4.28 8.49
C GLY A 41 26.88 3.33 7.57
N LYS A 42 26.59 2.01 7.64
CA LYS A 42 27.28 0.97 6.87
C LYS A 42 26.30 0.31 5.90
N GLY A 43 26.82 -0.69 5.15
CA GLY A 43 26.04 -1.29 4.09
C GLY A 43 25.23 -2.47 4.59
N LEU A 44 24.38 -3.01 3.72
CA LEU A 44 23.64 -4.23 4.07
C LEU A 44 24.55 -5.43 4.18
N GLU A 45 24.31 -6.28 5.19
CA GLU A 45 25.12 -7.46 5.42
C GLU A 45 24.15 -8.64 5.44
N TRP A 46 24.28 -9.52 4.47
CA TRP A 46 23.47 -10.73 4.44
C TRP A 46 23.86 -11.63 5.60
N ILE A 47 22.87 -12.19 6.32
CA ILE A 47 23.17 -13.12 7.44
C ILE A 47 22.88 -14.56 7.04
N GLY A 48 21.71 -14.80 6.51
CA GLY A 48 21.37 -16.15 6.09
C GLY A 48 20.05 -16.24 5.36
N TRP A 49 19.74 -17.46 4.93
CA TRP A 49 18.64 -17.71 4.00
C TRP A 49 18.08 -19.08 4.32
N ILE A 50 16.80 -19.15 4.62
CA ILE A 50 16.12 -20.40 4.95
C ILE A 50 15.09 -20.70 3.87
N PRO A 51 15.38 -21.64 2.97
CA PRO A 51 14.48 -21.89 1.85
C PRO A 51 13.31 -22.75 2.30
N PHE A 52 12.23 -22.70 1.54
CA PHE A 52 11.10 -23.49 1.97
C PHE A 52 11.37 -24.98 1.81
N ARG A 53 12.34 -25.37 0.99
CA ARG A 53 12.88 -26.70 1.18
C ARG A 53 14.35 -26.72 0.77
N GLY A 54 15.10 -27.54 1.49
CA GLY A 54 16.53 -27.63 1.31
C GLY A 54 17.27 -27.04 2.50
N SER A 55 18.58 -27.01 2.35
CA SER A 55 19.46 -26.59 3.41
C SER A 55 19.43 -25.07 3.63
N LEU A 56 19.50 -24.69 4.91
CA LEU A 56 19.86 -23.33 5.33
C LEU A 56 21.16 -22.92 4.69
N LYS A 57 21.33 -21.60 4.45
CA LYS A 57 22.64 -21.11 4.04
C LYS A 57 22.95 -19.87 4.88
N TYR A 58 24.23 -19.72 5.26
CA TYR A 58 24.67 -18.64 6.10
C TYR A 58 25.87 -17.91 5.52
N ALA A 59 25.97 -16.62 5.82
CA ALA A 59 27.21 -15.89 5.60
C ALA A 59 28.34 -16.60 6.35
N THR A 60 29.54 -16.58 5.76
CA THR A 60 30.63 -17.34 6.39
C THR A 60 30.95 -16.84 7.81
N TRP A 61 30.78 -15.54 8.09
CA TRP A 61 31.06 -15.01 9.43
C TRP A 61 30.00 -15.41 10.45
N ALA A 62 28.77 -15.71 10.00
CA ALA A 62 27.67 -16.07 10.89
C ALA A 62 27.66 -17.55 11.24
N THR A 63 28.31 -18.36 10.45
CA THR A 63 28.30 -19.80 10.65
C THR A 63 28.89 -20.14 12.01
N GLY A 64 28.17 -20.93 12.80
CA GLY A 64 28.68 -21.34 14.10
C GLY A 64 28.38 -20.42 15.26
N ARG A 65 27.91 -19.19 15.04
CA ARG A 65 27.45 -18.36 16.14
C ARG A 65 26.00 -17.97 16.00
N PHE A 66 25.46 -18.00 14.78
CA PHE A 66 24.07 -17.62 14.51
C PHE A 66 23.37 -18.80 13.88
N THR A 67 22.11 -19.04 14.26
CA THR A 67 21.31 -20.07 13.59
C THR A 67 19.94 -19.50 13.27
N ILE A 68 19.34 -20.02 12.21
CA ILE A 68 18.01 -19.62 11.75
C ILE A 68 17.12 -20.84 11.76
N SER A 69 15.86 -20.68 12.18
CA SER A 69 14.95 -21.83 12.19
C SER A 69 13.56 -21.34 11.84
N ARG A 70 12.63 -22.29 11.66
CA ARG A 70 11.26 -21.93 11.31
C ARG A 70 10.25 -22.62 12.25
N THR A 71 9.07 -22.01 12.34
CA THR A 71 7.81 -22.70 12.71
C THR A 71 6.83 -22.55 11.53
N SER A 72 5.57 -22.96 11.72
CA SER A 72 4.61 -22.75 10.64
C SER A 72 4.26 -21.26 10.43
N THR A 73 4.55 -20.38 11.41
CA THR A 73 4.13 -18.98 11.35
C THR A 73 5.27 -17.99 11.52
N THR A 74 6.49 -18.43 11.85
CA THR A 74 7.58 -17.52 12.17
C THR A 74 8.90 -18.09 11.69
N VAL A 75 9.92 -17.22 11.63
CA VAL A 75 11.31 -17.67 11.50
C VAL A 75 12.07 -16.94 12.60
N ASP A 76 13.19 -17.52 13.06
CA ASP A 76 13.93 -16.83 14.09
C ASP A 76 15.38 -16.72 13.71
N LEU A 77 16.09 -15.97 14.51
CA LEU A 77 17.53 -15.80 14.36
C LEU A 77 18.08 -15.83 15.77
N ARG A 78 18.80 -16.90 16.10
CA ARG A 78 19.36 -17.08 17.44
C ARG A 78 20.83 -16.72 17.37
N MET A 79 21.21 -15.67 18.09
CA MET A 79 22.58 -15.16 18.08
C MET A 79 23.26 -15.43 19.41
N THR A 80 24.54 -15.76 19.35
CA THR A 80 25.33 -15.99 20.55
C THR A 80 26.62 -15.19 20.49
N GLY A 81 27.23 -15.01 21.66
CA GLY A 81 28.52 -14.31 21.68
C GLY A 81 28.51 -12.92 21.09
N LEU A 82 27.45 -12.17 21.35
CA LEU A 82 27.29 -10.86 20.73
C LEU A 82 28.30 -9.87 21.31
N THR A 83 28.88 -9.04 20.43
CA THR A 83 29.76 -7.96 20.88
C THR A 83 29.28 -6.66 20.23
N ALA A 84 29.95 -5.55 20.54
CA ALA A 84 29.54 -4.29 19.94
C ALA A 84 29.66 -4.31 18.41
N ALA A 85 30.48 -5.19 17.86
CA ALA A 85 30.53 -5.37 16.41
C ALA A 85 29.21 -5.86 15.84
N ASP A 86 28.34 -6.40 16.67
CA ASP A 86 27.05 -6.91 16.21
C ASP A 86 25.93 -5.89 16.37
N THR A 87 26.23 -4.70 16.91
CA THR A 87 25.22 -3.67 17.04
C THR A 87 24.79 -3.26 15.64
N ALA A 88 23.48 -3.33 15.41
CA ALA A 88 22.96 -3.08 14.07
C ALA A 88 21.44 -3.06 14.14
N THR A 89 20.86 -2.67 13.02
CA THR A 89 19.46 -2.94 12.74
C THR A 89 19.41 -4.27 12.03
N TYR A 90 18.53 -5.15 12.52
CA TYR A 90 18.35 -6.49 11.96
C TYR A 90 17.01 -6.55 11.24
N PHE A 91 17.03 -7.00 9.97
CA PHE A 91 15.84 -7.12 9.15
C PHE A 91 15.54 -8.56 8.85
N CYS A 92 14.29 -8.96 8.99
CA CYS A 92 13.77 -10.15 8.37
CA CYS A 92 13.88 -10.16 8.34
C CYS A 92 13.36 -9.81 6.95
N VAL A 93 13.48 -10.76 6.03
CA VAL A 93 13.07 -10.53 4.66
C VAL A 93 12.36 -11.76 4.12
N ARG A 94 11.36 -11.52 3.27
CA ARG A 94 10.87 -12.58 2.43
C ARG A 94 11.73 -12.65 1.19
N SER A 95 12.05 -13.86 0.76
CA SER A 95 12.98 -14.04 -0.34
C SER A 95 12.25 -14.76 -1.46
N SER A 96 12.23 -14.15 -2.64
CA SER A 96 11.53 -14.66 -3.82
C SER A 96 12.04 -13.85 -5.02
N ASP A 97 13.04 -14.39 -5.68
CA ASP A 97 13.87 -13.62 -6.60
C ASP A 97 14.40 -12.35 -5.91
N GLY A 98 15.12 -12.57 -4.84
CA GLY A 98 15.59 -11.43 -4.05
C GLY A 98 14.69 -11.13 -2.87
N PHE A 99 15.06 -10.16 -2.06
CA PHE A 99 14.30 -9.80 -0.85
C PHE A 99 13.16 -8.86 -1.25
N ASP A 100 11.99 -9.41 -1.49
CA ASP A 100 10.86 -8.58 -1.99
C ASP A 100 10.12 -7.89 -0.85
N LEU A 101 10.15 -8.45 0.34
CA LEU A 101 9.52 -7.83 1.53
C LEU A 101 10.59 -7.69 2.63
N TRP A 102 10.61 -6.52 3.23
CA TRP A 102 11.49 -6.25 4.36
C TRP A 102 10.65 -5.81 5.56
N GLY A 103 11.06 -6.19 6.76
CA GLY A 103 10.49 -5.64 7.97
C GLY A 103 10.99 -4.22 8.19
N PRO A 104 10.42 -3.55 9.19
CA PRO A 104 10.96 -2.23 9.55
C PRO A 104 12.31 -2.31 10.20
N GLY A 105 12.67 -3.47 10.73
CA GLY A 105 13.91 -3.68 11.43
C GLY A 105 13.74 -3.64 12.94
N THR A 106 14.62 -4.33 13.65
CA THR A 106 14.64 -4.29 15.10
C THR A 106 16.10 -4.12 15.50
N LEU A 107 16.35 -3.37 16.57
CA LEU A 107 17.71 -2.93 16.86
C LEU A 107 18.32 -3.76 17.96
N VAL A 108 19.53 -4.25 17.72
CA VAL A 108 20.28 -5.02 18.70
C VAL A 108 21.45 -4.15 19.09
N THR A 109 21.56 -3.85 20.37
CA THR A 109 22.58 -2.92 20.86
C THR A 109 23.42 -3.63 21.91
N ILE A 110 24.72 -3.75 21.68
CA ILE A 110 25.64 -4.20 22.73
C ILE A 110 26.38 -2.97 23.25
N SER A 111 26.25 -2.70 24.55
CA SER A 111 26.91 -1.55 25.14
C SER A 111 28.36 -1.90 25.45
N SER A 112 29.30 -1.12 24.87
CA SER A 112 30.71 -1.30 25.20
C SER A 112 30.94 -1.10 26.70
N SER A 113 30.48 0.05 27.24
CA SER A 113 30.50 0.33 28.67
C SER A 113 29.43 -0.45 29.45
N SER A 114 28.79 -1.45 28.83
CA SER A 114 27.76 -2.29 29.47
C SER A 114 26.68 -1.46 30.16
N GLY A 115 26.34 -0.31 29.57
CA GLY A 115 25.25 0.51 30.09
C GLY A 115 23.96 -0.29 30.30
N GLN A 116 23.01 0.32 31.02
CA GLN A 116 21.64 -0.17 31.20
C GLN A 116 20.67 0.79 30.53
N PRO A 117 19.40 0.40 30.34
CA PRO A 117 18.50 1.28 29.58
C PRO A 117 18.35 2.61 30.32
N LYS A 118 18.33 3.70 29.56
CA LYS A 118 18.30 5.04 30.16
C LYS A 118 17.27 5.88 29.43
N ALA A 119 16.36 6.47 30.17
CA ALA A 119 15.28 7.25 29.56
C ALA A 119 15.78 8.63 29.15
N PRO A 120 15.24 9.19 28.08
CA PRO A 120 15.65 10.51 27.62
C PRO A 120 15.09 11.65 28.48
N SER A 121 15.81 12.75 28.49
CA SER A 121 15.26 14.03 28.89
C SER A 121 14.74 14.71 27.63
N VAL A 122 13.68 15.48 27.76
CA VAL A 122 13.08 16.17 26.61
C VAL A 122 13.01 17.65 26.92
N PHE A 123 13.56 18.48 26.04
CA PHE A 123 13.62 19.91 26.24
C PHE A 123 13.00 20.64 25.05
N PRO A 124 12.20 21.68 25.31
CA PRO A 124 11.61 22.44 24.21
C PRO A 124 12.67 23.35 23.57
N LEU A 125 12.52 23.54 22.27
CA LEU A 125 13.37 24.39 21.44
C LEU A 125 12.51 25.54 20.93
N ALA A 126 12.85 26.75 21.36
CA ALA A 126 12.19 27.93 20.84
C ALA A 126 13.21 29.05 20.64
N PRO A 127 13.01 29.89 19.64
CA PRO A 127 13.95 30.98 19.38
C PRO A 127 13.88 32.02 20.49
N CYS A 128 14.92 32.84 20.58
CA CYS A 128 14.89 34.01 21.43
C CYS A 128 13.85 35.00 20.94
N CYS A 129 13.42 35.89 21.82
CA CYS A 129 12.52 36.96 21.39
C CYS A 129 13.13 37.81 20.28
N GLY A 130 12.71 37.57 19.04
CA GLY A 130 13.14 38.37 17.90
C GLY A 130 12.15 39.50 17.61
N ASP A 131 12.64 40.76 17.63
CA ASP A 131 11.79 41.98 17.64
C ASP A 131 11.01 42.23 16.32
N THR A 132 10.97 41.32 15.34
CA THR A 132 10.03 41.42 14.22
C THR A 132 9.14 40.18 14.24
N PRO A 133 7.88 40.28 14.67
CA PRO A 133 7.04 39.09 14.79
C PRO A 133 6.67 38.54 13.43
N SER A 134 6.39 37.24 13.40
CA SER A 134 6.14 36.56 12.14
C SER A 134 4.87 35.71 12.24
N SER A 135 4.26 35.47 11.09
CA SER A 135 3.16 34.52 11.01
C SER A 135 3.62 33.07 11.17
N THR A 136 4.88 32.78 10.90
CA THR A 136 5.40 31.43 11.04
C THR A 136 6.52 31.44 12.06
N VAL A 137 6.67 30.32 12.77
CA VAL A 137 7.77 30.16 13.71
C VAL A 137 8.19 28.70 13.65
N THR A 138 9.47 28.46 13.87
CA THR A 138 9.98 27.09 13.94
C THR A 138 10.26 26.76 15.40
N LEU A 139 9.67 25.66 15.88
CA LEU A 139 9.78 25.19 17.24
C LEU A 139 10.26 23.75 17.21
N GLY A 140 10.73 23.24 18.34
CA GLY A 140 11.24 21.88 18.27
C GLY A 140 11.35 21.25 19.64
N CYS A 141 11.91 20.03 19.66
CA CYS A 141 12.19 19.34 20.90
CA CYS A 141 12.22 19.38 20.92
C CYS A 141 13.55 18.66 20.79
N LEU A 142 14.30 18.71 21.87
CA LEU A 142 15.58 18.01 21.97
C LEU A 142 15.37 16.81 22.88
N VAL A 143 15.73 15.62 22.40
CA VAL A 143 15.58 14.37 23.15
C VAL A 143 16.99 13.89 23.46
N LYS A 144 17.39 13.95 24.74
CA LYS A 144 18.80 13.85 25.10
C LYS A 144 19.06 12.69 26.06
N GLY A 145 20.11 11.94 25.80
CA GLY A 145 20.64 11.06 26.82
C GLY A 145 19.92 9.73 26.99
N TYR A 146 19.50 9.09 25.90
CA TYR A 146 18.79 7.83 26.03
C TYR A 146 19.62 6.63 25.54
N LEU A 147 19.22 5.44 26.00
CA LEU A 147 19.89 4.21 25.58
C LEU A 147 18.94 3.08 25.85
N PRO A 148 18.74 2.13 24.91
CA PRO A 148 19.23 2.11 23.53
C PRO A 148 18.34 2.97 22.59
N GLU A 149 18.74 3.10 21.33
CA GLU A 149 17.77 3.47 20.30
C GLU A 149 16.68 2.41 20.24
N PRO A 150 15.50 2.73 19.69
CA PRO A 150 15.09 4.04 19.17
C PRO A 150 14.23 4.84 20.13
N VAL A 151 14.05 6.11 19.82
CA VAL A 151 12.92 6.90 20.30
C VAL A 151 12.02 7.19 19.10
N THR A 152 10.76 7.48 19.36
CA THR A 152 9.92 8.03 18.31
C THR A 152 9.49 9.43 18.71
N VAL A 153 9.36 10.31 17.72
CA VAL A 153 8.88 11.67 17.95
C VAL A 153 7.76 11.93 16.97
N THR A 154 6.63 12.36 17.48
CA THR A 154 5.57 12.90 16.65
C THR A 154 5.21 14.28 17.15
N TRP A 155 4.40 14.98 16.36
CA TRP A 155 3.93 16.31 16.72
C TRP A 155 2.41 16.33 16.74
N ASN A 156 1.83 16.96 17.78
CA ASN A 156 0.37 17.04 17.90
C ASN A 156 -0.29 15.67 17.70
N SER A 157 0.27 14.65 18.38
CA SER A 157 -0.24 13.29 18.36
C SER A 157 -0.24 12.68 16.96
N GLY A 158 0.71 13.11 16.11
CA GLY A 158 0.83 12.58 14.77
C GLY A 158 -0.01 13.30 13.76
N THR A 159 -0.76 14.32 14.17
CA THR A 159 -1.60 15.05 13.22
C THR A 159 -0.85 16.17 12.52
N LEU A 160 0.33 16.55 12.99
CA LEU A 160 1.16 17.57 12.36
C LEU A 160 2.36 16.86 11.74
N THR A 161 2.38 16.78 10.41
CA THR A 161 3.47 16.11 9.70
C THR A 161 4.15 17.00 8.68
N ASN A 162 3.43 17.98 8.16
CA ASN A 162 3.98 18.89 7.16
C ASN A 162 4.96 19.86 7.81
N GLY A 163 6.16 19.92 7.26
CA GLY A 163 7.13 20.83 7.80
C GLY A 163 7.90 20.29 8.99
N VAL A 164 7.84 18.97 9.24
CA VAL A 164 8.57 18.36 10.34
C VAL A 164 9.91 17.88 9.83
N ARG A 165 10.98 18.20 10.56
CA ARG A 165 12.31 17.70 10.27
CA ARG A 165 12.32 17.72 10.28
C ARG A 165 12.86 17.05 11.54
N THR A 166 12.94 15.74 11.52
CA THR A 166 13.42 14.96 12.66
C THR A 166 14.78 14.40 12.27
N PHE A 167 15.82 14.88 12.93
CA PHE A 167 17.15 14.59 12.45
C PHE A 167 17.61 13.21 12.92
N PRO A 168 18.54 12.60 12.20
CA PRO A 168 19.12 11.34 12.68
C PRO A 168 19.71 11.51 14.07
N SER A 169 19.61 10.46 14.86
CA SER A 169 20.22 10.55 16.19
C SER A 169 21.74 10.59 16.07
N VAL A 170 22.37 11.07 17.14
CA VAL A 170 23.83 11.08 17.28
C VAL A 170 24.18 10.36 18.56
N ARG A 171 25.25 9.56 18.53
CA ARG A 171 25.75 8.88 19.72
C ARG A 171 26.87 9.69 20.37
N GLN A 172 26.68 10.10 21.63
CA GLN A 172 27.70 10.79 22.39
C GLN A 172 28.84 9.85 22.79
N SER A 173 29.98 10.44 23.17
CA SER A 173 31.11 9.59 23.57
C SER A 173 30.74 8.68 24.73
N SER A 174 29.80 9.12 25.58
CA SER A 174 29.33 8.32 26.71
C SER A 174 28.60 7.05 26.29
N GLY A 175 28.23 6.92 25.02
CA GLY A 175 27.40 5.81 24.59
C GLY A 175 25.92 6.15 24.52
N LEU A 176 25.51 7.27 25.09
CA LEU A 176 24.11 7.68 25.05
C LEU A 176 23.79 8.32 23.69
N TYR A 177 22.51 8.40 23.37
CA TYR A 177 22.05 9.01 22.13
C TYR A 177 21.29 10.31 22.38
N SER A 178 21.29 11.18 21.37
CA SER A 178 20.38 12.31 21.39
C SER A 178 19.81 12.50 19.99
N LEU A 179 18.70 13.25 19.93
CA LEU A 179 17.99 13.48 18.67
C LEU A 179 17.26 14.81 18.79
N SER A 180 17.14 15.57 17.69
CA SER A 180 16.29 16.76 17.72
C SER A 180 15.24 16.67 16.61
N SER A 181 14.11 17.33 16.82
CA SER A 181 13.07 17.42 15.80
C SER A 181 12.56 18.84 15.80
N VAL A 182 12.38 19.46 14.63
CA VAL A 182 11.81 20.79 14.59
C VAL A 182 10.64 20.81 13.61
N VAL A 183 9.77 21.80 13.77
CA VAL A 183 8.64 21.93 12.85
C VAL A 183 8.33 23.42 12.67
N SER A 184 8.05 23.80 11.44
CA SER A 184 7.65 25.17 11.13
CA SER A 184 7.65 25.18 11.13
C SER A 184 6.13 25.21 11.05
N VAL A 185 5.53 26.13 11.80
CA VAL A 185 4.08 26.19 11.96
C VAL A 185 3.57 27.62 11.80
N THR A 186 2.34 27.74 11.34
CA THR A 186 1.56 28.95 11.53
C THR A 186 0.76 28.81 12.82
N SER A 187 -0.12 29.78 13.11
CA SER A 187 -0.90 29.74 14.34
C SER A 187 -1.82 28.51 14.43
N SER A 188 -2.32 28.03 13.29
CA SER A 188 -3.37 27.01 13.32
C SER A 188 -2.89 25.75 14.01
N SER A 189 -1.56 25.52 14.02
CA SER A 189 -0.98 24.34 14.64
C SER A 189 -0.59 24.56 16.09
N GLN A 190 -0.70 25.81 16.61
CA GLN A 190 -0.24 26.15 17.96
C GLN A 190 -1.41 26.14 18.92
N PRO A 191 -1.15 25.81 20.19
CA PRO A 191 0.17 25.40 20.67
C PRO A 191 0.58 24.03 20.06
N VAL A 192 1.89 23.79 19.85
CA VAL A 192 2.34 22.51 19.29
C VAL A 192 2.93 21.69 20.43
N THR A 193 2.79 20.36 20.32
CA THR A 193 3.26 19.47 21.38
C THR A 193 4.06 18.36 20.74
N CYS A 194 5.27 18.11 21.24
CA CYS A 194 6.04 17.01 20.72
CA CYS A 194 6.10 17.03 20.74
C CYS A 194 5.80 15.80 21.61
N ASN A 195 5.54 14.67 20.97
CA ASN A 195 5.23 13.42 21.66
C ASN A 195 6.43 12.49 21.51
N VAL A 196 7.13 12.23 22.60
CA VAL A 196 8.35 11.44 22.59
C VAL A 196 8.10 10.11 23.27
N ALA A 197 8.51 9.02 22.63
CA ALA A 197 8.40 7.73 23.28
C ALA A 197 9.73 6.99 23.24
N HIS A 198 10.04 6.29 24.34
CA HIS A 198 11.26 5.48 24.41
C HIS A 198 10.85 4.11 24.92
N PRO A 199 10.55 3.19 24.02
CA PRO A 199 9.97 1.90 24.45
C PRO A 199 10.82 1.15 25.45
N ALA A 200 12.15 1.27 25.37
CA ALA A 200 13.01 0.48 26.24
C ALA A 200 12.82 0.82 27.71
N THR A 201 12.36 2.04 28.01
CA THR A 201 12.08 2.41 29.38
C THR A 201 10.61 2.68 29.62
N ASN A 202 9.75 2.32 28.68
CA ASN A 202 8.31 2.59 28.76
C ASN A 202 8.02 4.08 28.97
N THR A 203 8.86 4.93 28.39
CA THR A 203 8.76 6.36 28.60
C THR A 203 7.84 6.95 27.54
N LYS A 204 6.94 7.86 27.97
CA LYS A 204 6.19 8.68 27.02
C LYS A 204 6.14 10.08 27.60
N VAL A 205 6.65 11.05 26.85
CA VAL A 205 6.68 12.44 27.31
C VAL A 205 5.98 13.26 26.25
N ASP A 206 5.08 14.14 26.68
CA ASP A 206 4.47 15.14 25.81
C ASP A 206 4.90 16.51 26.30
N LYS A 207 5.55 17.26 25.42
CA LYS A 207 6.10 18.57 25.79
C LYS A 207 5.43 19.60 24.88
N THR A 208 4.61 20.49 25.45
CA THR A 208 4.06 21.58 24.67
C THR A 208 5.12 22.68 24.59
N VAL A 209 5.45 23.13 23.39
CA VAL A 209 6.53 24.08 23.15
C VAL A 209 5.90 25.45 22.86
N ALA A 210 6.20 26.43 23.70
CA ALA A 210 5.68 27.76 23.39
C ALA A 210 6.78 28.65 22.86
N PRO A 211 6.50 29.56 21.92
CA PRO A 211 7.50 30.58 21.58
C PRO A 211 7.73 31.49 22.78
N SER A 212 8.95 32.03 22.88
CA SER A 212 9.26 32.83 24.07
C SER A 212 8.34 34.04 24.14
N THR A 213 8.02 34.46 25.36
CA THR A 213 7.00 35.46 25.60
C THR A 213 7.60 36.87 25.68
N CYS A 214 7.03 37.80 24.94
CA CYS A 214 7.46 39.20 24.94
C CYS A 214 6.41 40.10 24.27
N ASP B 1 32.67 -12.56 -4.11
CA ASP B 1 32.07 -11.43 -3.41
C ASP B 1 31.55 -10.46 -4.46
N MET B 2 30.94 -9.36 -4.00
CA MET B 2 30.27 -8.39 -4.87
C MET B 2 30.92 -7.03 -4.66
N THR B 3 31.38 -6.40 -5.76
CA THR B 3 32.07 -5.10 -5.71
C THR B 3 31.30 -4.07 -6.55
N GLN B 4 30.86 -2.99 -5.89
CA GLN B 4 30.15 -1.91 -6.58
C GLN B 4 31.08 -0.72 -6.75
N THR B 5 30.95 -0.07 -7.90
CA THR B 5 31.68 1.16 -8.19
C THR B 5 30.72 2.08 -8.94
N PRO B 6 30.86 3.40 -8.80
CA PRO B 6 31.70 4.12 -7.83
C PRO B 6 31.10 3.99 -6.44
N ALA B 7 31.89 4.37 -5.45
CA ALA B 7 31.33 4.44 -4.10
C ALA B 7 30.27 5.53 -4.01
N SER B 8 30.44 6.62 -4.74
CA SER B 8 29.45 7.69 -4.75
C SER B 8 29.51 8.35 -6.11
N VAL B 9 28.40 8.94 -6.52
CA VAL B 9 28.35 9.64 -7.80
C VAL B 9 27.33 10.76 -7.68
N GLU B 10 27.67 11.91 -8.23
CA GLU B 10 26.77 13.05 -8.19
C GLU B 10 26.35 13.39 -9.60
N ALA B 11 25.07 13.67 -9.80
CA ALA B 11 24.57 13.98 -11.14
C ALA B 11 23.41 14.95 -11.06
N VAL B 12 23.25 15.75 -12.13
CA VAL B 12 22.24 16.79 -12.13
C VAL B 12 20.84 16.19 -12.21
N VAL B 13 19.86 16.92 -11.67
CA VAL B 13 18.48 16.59 -11.98
C VAL B 13 18.31 16.48 -13.48
N GLY B 14 17.50 15.51 -13.88
CA GLY B 14 17.24 15.20 -15.27
C GLY B 14 18.33 14.40 -15.95
N GLY B 15 19.46 14.21 -15.28
CA GLY B 15 20.62 13.56 -15.83
C GLY B 15 20.52 12.03 -15.80
N THR B 16 21.63 11.40 -16.15
CA THR B 16 21.69 9.94 -16.21
C THR B 16 22.98 9.47 -15.55
N VAL B 17 22.91 8.40 -14.74
CA VAL B 17 24.12 7.73 -14.23
C VAL B 17 24.02 6.24 -14.52
N THR B 18 25.20 5.61 -14.68
CA THR B 18 25.32 4.16 -14.75
C THR B 18 26.26 3.75 -13.66
N ILE B 19 25.80 2.88 -12.75
CA ILE B 19 26.64 2.36 -11.70
C ILE B 19 26.85 0.86 -11.94
N LYS B 20 27.94 0.34 -11.37
CA LYS B 20 28.47 -0.97 -11.73
CA LYS B 20 28.48 -0.96 -11.72
C LYS B 20 28.46 -1.93 -10.54
N CYS B 21 28.17 -3.19 -10.86
CA CYS B 21 28.24 -4.29 -9.91
C CYS B 21 29.05 -5.42 -10.56
N GLN B 22 30.11 -5.88 -9.87
CA GLN B 22 30.96 -6.95 -10.39
C GLN B 22 31.00 -8.10 -9.39
N ALA B 23 30.68 -9.31 -9.86
CA ALA B 23 30.70 -10.53 -9.05
C ALA B 23 32.00 -11.25 -9.37
N SER B 24 32.70 -11.74 -8.34
CA SER B 24 33.94 -12.47 -8.62
C SER B 24 33.65 -13.85 -9.19
N ARG B 25 32.48 -14.41 -8.92
CA ARG B 25 32.07 -15.67 -9.49
C ARG B 25 30.77 -15.48 -10.26
N ASP B 26 30.61 -16.28 -11.30
CA ASP B 26 29.46 -16.09 -12.17
C ASP B 26 28.16 -16.28 -11.39
N THR B 27 27.26 -15.31 -11.51
CA THR B 27 25.98 -15.37 -10.80
C THR B 27 24.83 -15.24 -11.78
N GLY B 28 25.08 -15.62 -13.05
CA GLY B 28 24.00 -15.84 -13.97
C GLY B 28 23.17 -14.59 -14.12
N ASP B 29 21.85 -14.75 -14.10
CA ASP B 29 20.94 -13.62 -13.95
C ASP B 29 20.42 -13.47 -12.51
N GLY B 30 21.04 -14.13 -11.53
CA GLY B 30 20.63 -14.10 -10.12
C GLY B 30 21.17 -12.87 -9.43
N LEU B 31 20.59 -11.72 -9.79
CA LEU B 31 21.17 -10.44 -9.42
C LEU B 31 20.01 -9.48 -9.20
N ILE B 32 19.99 -8.85 -8.02
CA ILE B 32 18.89 -7.99 -7.63
C ILE B 32 19.47 -6.64 -7.25
N TRP B 33 18.79 -5.58 -7.63
CA TRP B 33 19.16 -4.24 -7.21
C TRP B 33 18.12 -3.72 -6.21
N TYR B 34 18.58 -2.97 -5.20
CA TYR B 34 17.72 -2.31 -4.22
C TYR B 34 18.08 -0.84 -4.14
N GLN B 35 17.07 -0.02 -3.83
CA GLN B 35 17.20 1.39 -3.49
C GLN B 35 16.97 1.53 -1.99
N GLN B 36 17.87 2.21 -1.29
CA GLN B 36 17.65 2.46 0.13
C GLN B 36 17.85 3.94 0.43
N LYS B 37 16.81 4.56 0.97
CA LYS B 37 16.98 5.93 1.42
C LYS B 37 17.37 5.95 2.89
N PRO B 38 18.22 6.88 3.31
CA PRO B 38 18.66 6.90 4.70
C PRO B 38 17.47 6.89 5.65
N GLY B 39 17.53 6.00 6.63
CA GLY B 39 16.46 5.85 7.61
C GLY B 39 15.29 4.99 7.22
N GLN B 40 15.33 4.34 6.07
CA GLN B 40 14.23 3.50 5.62
C GLN B 40 14.76 2.11 5.31
N PRO B 41 13.90 1.10 5.30
CA PRO B 41 14.31 -0.21 4.78
C PRO B 41 14.57 -0.13 3.27
N PRO B 42 15.41 -1.01 2.74
CA PRO B 42 15.60 -1.11 1.28
C PRO B 42 14.30 -1.48 0.58
N LYS B 43 14.23 -1.09 -0.70
CA LYS B 43 13.16 -1.44 -1.63
C LYS B 43 13.74 -2.17 -2.84
N ARG B 44 13.21 -3.37 -3.15
CA ARG B 44 13.66 -4.10 -4.33
C ARG B 44 13.26 -3.35 -5.60
N LEU B 45 14.23 -3.05 -6.46
CA LEU B 45 14.01 -2.34 -7.72
C LEU B 45 13.94 -3.27 -8.92
N ILE B 46 14.90 -4.19 -9.04
CA ILE B 46 15.13 -4.96 -10.26
C ILE B 46 15.51 -6.36 -9.81
N TYR B 47 14.92 -7.39 -10.41
CA TYR B 47 15.36 -8.76 -10.12
C TYR B 47 15.65 -9.46 -11.44
N LYS B 48 16.29 -10.63 -11.35
CA LYS B 48 16.70 -11.36 -12.54
C LYS B 48 17.52 -10.46 -13.47
N ALA B 49 18.37 -9.64 -12.86
CA ALA B 49 19.26 -8.66 -13.51
C ALA B 49 18.58 -7.53 -14.29
N SER B 50 17.44 -7.78 -14.93
CA SER B 50 16.83 -6.75 -15.75
C SER B 50 15.31 -6.60 -15.63
N THR B 51 14.65 -7.36 -14.75
CA THR B 51 13.20 -7.23 -14.63
C THR B 51 12.88 -6.19 -13.55
N VAL B 52 12.22 -5.10 -13.93
CA VAL B 52 11.83 -4.10 -12.93
C VAL B 52 10.67 -4.63 -12.12
N ALA B 53 10.72 -4.38 -10.81
CA ALA B 53 9.65 -4.80 -9.90
C ALA B 53 8.41 -3.94 -10.15
N SER B 54 7.26 -4.44 -9.71
CA SER B 54 6.01 -3.73 -10.03
C SER B 54 6.03 -2.34 -9.41
N GLY B 55 5.54 -1.36 -10.18
CA GLY B 55 5.55 0.02 -9.74
C GLY B 55 6.83 0.76 -9.93
N VAL B 56 7.92 0.08 -10.28
CA VAL B 56 9.20 0.76 -10.50
C VAL B 56 9.20 1.36 -11.90
N PRO B 57 9.59 2.63 -12.06
CA PRO B 57 9.61 3.26 -13.38
C PRO B 57 10.68 2.67 -14.30
N SER B 58 10.39 2.68 -15.60
CA SER B 58 11.28 2.08 -16.59
C SER B 58 12.61 2.81 -16.75
N ARG B 59 12.76 4.02 -16.20
CA ARG B 59 14.06 4.69 -16.29
C ARG B 59 15.11 4.09 -15.37
N PHE B 60 14.75 3.06 -14.61
CA PHE B 60 15.70 2.23 -13.88
C PHE B 60 15.93 1.02 -14.77
N LYS B 61 17.12 0.95 -15.37
CA LYS B 61 17.39 -0.05 -16.40
C LYS B 61 18.53 -0.92 -15.93
N GLY B 62 18.22 -2.14 -15.50
CA GLY B 62 19.28 -3.07 -15.13
C GLY B 62 19.73 -3.89 -16.33
N ARG B 63 21.05 -4.10 -16.43
CA ARG B 63 21.64 -4.83 -17.55
C ARG B 63 22.76 -5.75 -17.06
N GLY B 64 23.12 -6.70 -17.91
CA GLY B 64 24.29 -7.52 -17.67
C GLY B 64 23.95 -8.96 -17.31
N SER B 65 25.02 -9.71 -17.10
CA SER B 65 24.87 -11.13 -16.82
C SER B 65 26.21 -11.66 -16.36
N GLY B 66 26.15 -12.79 -15.64
CA GLY B 66 27.40 -13.45 -15.31
C GLY B 66 28.20 -12.81 -14.22
N THR B 67 29.23 -12.03 -14.58
CA THR B 67 30.06 -11.37 -13.58
C THR B 67 29.98 -9.85 -13.60
N ASP B 68 29.27 -9.26 -14.57
CA ASP B 68 29.27 -7.80 -14.72
C ASP B 68 27.88 -7.30 -15.00
N PHE B 69 27.40 -6.38 -14.12
CA PHE B 69 26.08 -5.81 -14.20
C PHE B 69 26.16 -4.29 -14.06
N THR B 70 25.15 -3.63 -14.59
CA THR B 70 25.02 -2.18 -14.46
C THR B 70 23.58 -1.84 -14.12
N LEU B 71 23.41 -0.71 -13.42
CA LEU B 71 22.10 -0.09 -13.29
C LEU B 71 22.23 1.31 -13.84
N THR B 72 21.39 1.65 -14.83
CA THR B 72 21.38 2.99 -15.42
C THR B 72 20.09 3.65 -14.96
N ILE B 73 20.22 4.81 -14.31
CA ILE B 73 19.08 5.62 -13.89
C ILE B 73 19.11 6.86 -14.76
N SER B 74 18.13 7.01 -15.64
CA SER B 74 18.01 8.21 -16.45
C SER B 74 16.89 9.10 -15.95
N ASP B 75 16.85 10.31 -16.52
CA ASP B 75 15.86 11.33 -16.09
C ASP B 75 15.80 11.44 -14.57
N LEU B 76 16.98 11.62 -13.98
CA LEU B 76 17.11 11.59 -12.52
C LEU B 76 16.17 12.57 -11.83
N GLU B 77 15.55 12.13 -10.73
CA GLU B 77 14.70 13.00 -9.92
C GLU B 77 15.36 13.14 -8.55
N CYS B 78 15.02 14.23 -7.85
CA CYS B 78 15.44 14.34 -6.46
C CYS B 78 15.00 13.12 -5.65
N ALA B 79 13.84 12.55 -5.98
CA ALA B 79 13.37 11.34 -5.29
C ALA B 79 14.27 10.12 -5.51
N ASP B 80 15.17 10.16 -6.50
CA ASP B 80 16.07 9.04 -6.73
C ASP B 80 17.32 9.12 -5.87
N ALA B 81 17.51 10.20 -5.11
CA ALA B 81 18.69 10.26 -4.26
C ALA B 81 18.61 9.17 -3.19
N ALA B 82 19.63 8.33 -3.14
CA ALA B 82 19.60 7.10 -2.32
C ALA B 82 20.90 6.32 -2.45
N THR B 83 21.03 5.23 -1.70
CA THR B 83 22.13 4.32 -1.91
C THR B 83 21.54 3.07 -2.56
N TYR B 84 22.19 2.58 -3.60
CA TYR B 84 21.73 1.44 -4.40
C TYR B 84 22.67 0.27 -4.14
N TYR B 85 22.09 -0.91 -3.92
CA TYR B 85 22.85 -2.11 -3.60
C TYR B 85 22.54 -3.18 -4.61
N CYS B 86 23.56 -3.93 -5.05
CA CYS B 86 23.30 -5.17 -5.81
C CYS B 86 23.41 -6.37 -4.87
N HIS B 87 22.90 -7.50 -5.34
CA HIS B 87 22.70 -8.65 -4.46
C HIS B 87 22.68 -9.90 -5.33
N SER B 88 23.58 -10.85 -5.04
CA SER B 88 23.58 -12.16 -5.71
C SER B 88 22.77 -13.18 -4.91
N ASN B 89 21.89 -13.92 -5.58
CA ASN B 89 21.10 -14.91 -4.83
C ASN B 89 21.44 -16.34 -5.21
N PHE B 90 22.69 -16.60 -5.56
CA PHE B 90 23.12 -17.96 -5.93
C PHE B 90 23.54 -18.77 -4.71
N TYR B 91 22.64 -18.83 -3.70
CA TYR B 91 23.02 -19.42 -2.41
C TYR B 91 23.31 -20.91 -2.50
N ASN B 92 22.73 -21.59 -3.49
CA ASN B 92 22.93 -23.03 -3.67
C ASN B 92 24.12 -23.34 -4.55
N ARG B 93 24.82 -22.33 -5.05
CA ARG B 93 26.04 -22.54 -5.82
C ARG B 93 27.29 -22.08 -5.09
N TRP B 94 27.27 -20.88 -4.48
CA TRP B 94 28.44 -20.27 -3.88
C TRP B 94 28.25 -20.03 -2.39
N THR B 95 29.35 -20.04 -1.64
CA THR B 95 29.36 -19.47 -0.31
C THR B 95 29.63 -17.98 -0.41
N TYR B 96 29.19 -17.24 0.60
CA TYR B 96 29.33 -15.79 0.60
C TYR B 96 29.79 -15.31 1.97
N GLY B 97 30.75 -14.38 1.96
CA GLY B 97 30.92 -13.51 3.11
C GLY B 97 29.78 -12.52 3.19
N ASN B 98 29.43 -11.91 2.05
CA ASN B 98 28.26 -11.04 1.95
C ASN B 98 27.68 -11.22 0.55
N ALA B 99 26.37 -11.43 0.48
CA ALA B 99 25.68 -11.56 -0.80
C ALA B 99 25.38 -10.21 -1.43
N PHE B 100 25.53 -9.13 -0.66
CA PHE B 100 25.35 -7.78 -1.19
C PHE B 100 26.67 -7.14 -1.59
N GLY B 101 26.61 -6.30 -2.61
CA GLY B 101 27.64 -5.29 -2.82
C GLY B 101 27.67 -4.24 -1.71
N GLY B 102 28.73 -3.40 -1.72
CA GLY B 102 28.95 -2.39 -0.71
C GLY B 102 28.10 -1.13 -0.84
N GLY B 103 27.41 -0.98 -1.95
CA GLY B 103 26.49 0.14 -2.14
C GLY B 103 27.14 1.26 -2.96
N THR B 104 26.29 1.98 -3.70
CA THR B 104 26.69 3.20 -4.40
C THR B 104 25.73 4.31 -3.97
N GLU B 105 26.27 5.39 -3.41
CA GLU B 105 25.45 6.55 -3.07
C GLU B 105 25.23 7.39 -4.32
N VAL B 106 23.98 7.71 -4.62
CA VAL B 106 23.64 8.60 -5.76
C VAL B 106 23.15 9.92 -5.18
N VAL B 107 23.90 10.99 -5.46
CA VAL B 107 23.59 12.35 -5.01
C VAL B 107 23.03 13.12 -6.20
N VAL B 108 21.84 13.69 -6.06
CA VAL B 108 21.15 14.38 -7.16
C VAL B 108 21.34 15.87 -6.95
N LYS B 109 21.86 16.55 -7.98
CA LYS B 109 22.33 17.93 -7.85
C LYS B 109 21.25 18.86 -8.39
N GLY B 110 20.62 19.59 -7.49
CA GLY B 110 19.66 20.60 -7.86
C GLY B 110 20.31 21.97 -7.86
N ASP B 111 19.49 23.00 -7.80
CA ASP B 111 20.06 24.33 -7.79
C ASP B 111 20.66 24.65 -6.42
N PRO B 112 21.78 25.37 -6.38
CA PRO B 112 22.33 25.79 -5.08
C PRO B 112 21.37 26.74 -4.38
N VAL B 113 21.31 26.58 -3.05
CA VAL B 113 20.46 27.38 -2.19
C VAL B 113 21.21 27.57 -0.88
N ALA B 114 21.37 28.81 -0.45
CA ALA B 114 21.96 29.07 0.85
C ALA B 114 20.96 28.78 1.96
N PRO B 115 21.44 28.35 3.12
CA PRO B 115 20.51 27.98 4.19
C PRO B 115 19.90 29.20 4.85
N THR B 116 18.74 28.99 5.45
CA THR B 116 18.33 29.89 6.51
C THR B 116 18.68 29.21 7.81
N VAL B 117 19.06 29.99 8.81
CA VAL B 117 19.69 29.43 10.00
C VAL B 117 18.91 29.87 11.22
N LEU B 118 18.65 28.92 12.14
CA LEU B 118 17.96 29.19 13.38
C LEU B 118 18.86 28.77 14.53
N ILE B 119 18.82 29.53 15.63
CA ILE B 119 19.52 29.13 16.86
C ILE B 119 18.52 29.08 18.03
N PHE B 120 18.64 28.03 18.85
CA PHE B 120 17.69 27.80 19.96
C PHE B 120 18.45 27.80 21.26
N PRO B 121 18.25 28.79 22.12
CA PRO B 121 18.91 28.76 23.42
C PRO B 121 18.40 27.61 24.28
N PRO B 122 19.22 27.15 25.23
CA PRO B 122 18.76 26.09 26.14
C PRO B 122 17.50 26.50 26.90
N ALA B 123 16.57 25.56 26.99
CA ALA B 123 15.36 25.74 27.77
C ALA B 123 15.72 25.99 29.22
N ALA B 124 14.85 26.73 29.92
CA ALA B 124 15.15 27.15 31.28
C ALA B 124 15.44 25.97 32.19
N ASP B 125 14.81 24.82 31.96
CA ASP B 125 15.05 23.72 32.86
C ASP B 125 16.30 22.92 32.51
N GLN B 126 17.01 23.28 31.44
CA GLN B 126 18.23 22.57 31.12
C GLN B 126 19.34 22.93 32.11
N VAL B 127 19.44 24.21 32.49
CA VAL B 127 20.63 24.62 33.20
C VAL B 127 20.72 23.93 34.54
N ALA B 128 19.56 23.59 35.13
CA ALA B 128 19.53 22.91 36.41
C ALA B 128 20.18 21.54 36.36
N THR B 129 20.22 20.92 35.19
CA THR B 129 20.78 19.58 35.13
C THR B 129 22.30 19.57 35.20
N GLY B 130 22.94 20.73 35.04
CA GLY B 130 24.40 20.81 35.01
C GLY B 130 25.01 20.76 33.61
N THR B 131 24.20 20.46 32.60
CA THR B 131 24.67 20.47 31.22
C THR B 131 23.64 21.23 30.38
N VAL B 132 24.12 21.96 29.39
CA VAL B 132 23.21 22.66 28.51
C VAL B 132 23.58 22.36 27.07
N THR B 133 22.57 22.31 26.20
CA THR B 133 22.76 22.03 24.79
C THR B 133 22.13 23.18 24.01
N ILE B 134 22.95 23.84 23.20
CA ILE B 134 22.48 24.87 22.27
C ILE B 134 22.32 24.23 20.90
N VAL B 135 21.20 24.54 20.22
CA VAL B 135 20.87 23.89 18.94
C VAL B 135 20.83 24.90 17.81
N CYS B 136 21.55 24.61 16.75
CA CYS B 136 21.54 25.45 15.57
C CYS B 136 21.03 24.59 14.41
N VAL B 137 20.09 25.09 13.62
CA VAL B 137 19.54 24.36 12.49
C VAL B 137 19.77 25.17 11.22
N ALA B 138 20.33 24.52 10.21
CA ALA B 138 20.48 25.10 8.88
C ALA B 138 19.44 24.43 8.00
N ASN B 139 18.47 25.22 7.50
CA ASN B 139 17.35 24.63 6.77
C ASN B 139 17.52 24.80 5.25
N LYS B 140 17.15 23.75 4.50
CA LYS B 140 16.84 23.82 3.06
C LYS B 140 18.00 24.41 2.26
N TYR B 141 19.10 23.65 2.18
CA TYR B 141 20.31 24.15 1.53
C TYR B 141 20.93 23.09 0.64
N PHE B 142 21.73 23.57 -0.34
CA PHE B 142 22.54 22.72 -1.18
C PHE B 142 23.59 23.62 -1.80
N PRO B 143 24.86 23.20 -1.89
CA PRO B 143 25.45 21.94 -1.46
C PRO B 143 25.82 21.97 -0.02
N ASP B 144 26.65 21.01 0.40
CA ASP B 144 26.95 20.84 1.81
C ASP B 144 27.53 22.11 2.44
N VAL B 145 27.32 22.26 3.75
CA VAL B 145 27.82 23.36 4.57
C VAL B 145 28.80 22.84 5.60
N THR B 146 29.54 23.79 6.18
CA THR B 146 30.33 23.58 7.38
C THR B 146 29.83 24.53 8.48
N VAL B 147 29.89 24.09 9.71
CA VAL B 147 29.35 24.83 10.84
C VAL B 147 30.49 25.17 11.78
N THR B 148 30.51 26.43 12.22
CA THR B 148 31.42 26.94 13.23
C THR B 148 30.58 27.50 14.37
N TRP B 149 30.99 27.23 15.59
CA TRP B 149 30.38 27.82 16.79
C TRP B 149 31.37 28.78 17.42
N GLU B 150 30.87 29.90 17.92
CA GLU B 150 31.70 30.87 18.61
C GLU B 150 31.01 31.26 19.90
N VAL B 151 31.78 31.35 20.98
CA VAL B 151 31.28 31.79 22.28
C VAL B 151 32.11 33.01 22.66
N ASP B 152 31.45 34.16 22.82
CA ASP B 152 32.17 35.42 23.00
C ASP B 152 33.33 35.57 21.99
N GLY B 153 33.07 35.20 20.73
CA GLY B 153 34.03 35.39 19.67
C GLY B 153 35.09 34.32 19.55
N THR B 154 35.08 33.33 20.43
CA THR B 154 36.10 32.28 20.45
C THR B 154 35.53 31.03 19.79
N THR B 155 36.20 30.55 18.73
CA THR B 155 35.74 29.36 18.04
C THR B 155 35.79 28.14 18.95
N GLN B 156 34.70 27.35 18.98
CA GLN B 156 34.64 26.15 19.79
C GLN B 156 35.24 24.98 19.03
N THR B 157 35.96 24.12 19.75
CA THR B 157 36.61 22.98 19.13
C THR B 157 36.16 21.66 19.76
N THR B 158 35.33 21.71 20.77
CA THR B 158 34.83 20.50 21.36
C THR B 158 33.36 20.70 21.69
N GLY B 159 32.68 19.58 21.92
CA GLY B 159 31.30 19.58 22.37
C GLY B 159 30.29 19.71 21.25
N ILE B 160 30.70 19.58 20.00
CA ILE B 160 29.82 19.86 18.86
C ILE B 160 29.46 18.53 18.20
N GLU B 161 28.16 18.36 17.89
CA GLU B 161 27.66 17.20 17.16
C GLU B 161 26.76 17.68 16.04
N ASN B 162 26.92 17.08 14.86
CA ASN B 162 26.12 17.48 13.70
C ASN B 162 25.34 16.31 13.17
N SER B 163 24.14 16.61 12.66
CA SER B 163 23.29 15.58 12.10
C SER B 163 22.55 16.14 10.88
N LYS B 164 22.52 15.40 9.78
CA LYS B 164 21.99 15.94 8.52
C LYS B 164 20.88 15.05 7.99
N THR B 165 19.80 15.66 7.49
CA THR B 165 18.70 14.91 6.91
C THR B 165 19.08 14.48 5.49
N PRO B 166 18.43 13.46 4.94
CA PRO B 166 18.76 13.07 3.57
C PRO B 166 18.25 14.14 2.61
N GLN B 167 18.72 14.07 1.39
CA GLN B 167 18.22 15.01 0.39
C GLN B 167 16.70 14.97 0.26
N ASN B 168 16.10 16.15 0.20
CA ASN B 168 14.67 16.26 0.12
C ASN B 168 14.17 15.71 -1.21
N SER B 169 13.11 14.88 -1.14
CA SER B 169 12.62 14.17 -2.32
C SER B 169 12.01 15.09 -3.34
N ALA B 170 11.66 16.32 -2.94
CA ALA B 170 11.08 17.32 -3.81
C ALA B 170 12.11 18.30 -4.41
N ASP B 171 13.07 18.80 -3.64
CA ASP B 171 13.96 19.81 -4.17
C ASP B 171 15.44 19.51 -3.95
N CYS B 172 15.79 18.33 -3.42
CA CYS B 172 17.17 17.87 -3.32
C CYS B 172 17.92 18.51 -2.16
N THR B 173 17.26 19.36 -1.34
CA THR B 173 18.05 20.08 -0.35
C THR B 173 18.28 19.24 0.91
N TYR B 174 19.26 19.68 1.69
CA TYR B 174 19.54 19.13 3.02
C TYR B 174 19.01 20.04 4.14
N ASN B 175 18.92 19.47 5.34
CA ASN B 175 18.78 20.24 6.57
C ASN B 175 19.81 19.70 7.53
N LEU B 176 20.32 20.55 8.42
CA LEU B 176 21.40 20.14 9.34
C LEU B 176 21.07 20.62 10.72
N SER B 177 21.23 19.76 11.73
CA SER B 177 21.14 20.18 13.13
C SER B 177 22.52 20.09 13.75
N SER B 178 22.95 21.16 14.39
CA SER B 178 24.25 21.18 15.03
C SER B 178 24.05 21.56 16.48
N THR B 179 24.62 20.78 17.39
CA THR B 179 24.42 21.04 18.81
C THR B 179 25.76 21.31 19.45
N LEU B 180 25.78 22.30 20.34
CA LEU B 180 26.95 22.58 21.17
C LEU B 180 26.57 22.26 22.62
N THR B 181 27.34 21.39 23.26
CA THR B 181 27.07 21.01 24.64
C THR B 181 28.16 21.59 25.55
N LEU B 182 27.74 22.21 26.65
CA LEU B 182 28.60 22.89 27.62
C LEU B 182 28.08 22.56 29.01
N THR B 183 28.94 22.69 30.04
CA THR B 183 28.38 22.61 31.40
C THR B 183 27.60 23.88 31.68
N SER B 184 26.70 23.81 32.65
CA SER B 184 25.99 25.02 33.07
C SER B 184 26.98 26.10 33.49
N THR B 185 28.05 25.71 34.19
CA THR B 185 29.05 26.70 34.59
C THR B 185 29.63 27.40 33.38
N GLN B 186 30.04 26.63 32.36
CA GLN B 186 30.60 27.24 31.17
C GLN B 186 29.57 28.15 30.51
N TYR B 187 28.32 27.70 30.44
CA TYR B 187 27.28 28.47 29.76
C TYR B 187 27.00 29.80 30.46
N ASN B 188 26.86 29.77 31.79
CA ASN B 188 26.63 30.98 32.56
C ASN B 188 27.84 31.90 32.61
N SER B 189 29.00 31.45 32.15
CA SER B 189 30.18 32.28 32.19
C SER B 189 30.42 33.02 30.87
N HIS B 190 29.52 32.90 29.89
CA HIS B 190 29.68 33.63 28.64
C HIS B 190 28.34 34.24 28.23
N LYS B 191 28.41 35.20 27.30
CA LYS B 191 27.26 36.02 26.91
C LYS B 191 26.77 35.72 25.50
N GLU B 192 27.65 35.77 24.51
CA GLU B 192 27.26 35.74 23.10
C GLU B 192 27.49 34.35 22.53
N TYR B 193 26.43 33.75 21.98
CA TYR B 193 26.50 32.43 21.37
C TYR B 193 26.18 32.57 19.88
N THR B 194 27.07 32.08 19.01
CA THR B 194 26.96 32.31 17.59
C THR B 194 27.15 31.00 16.82
N CYS B 195 26.26 30.71 15.87
CA CYS B 195 26.40 29.60 14.93
CA CYS B 195 26.52 29.61 14.95
C CYS B 195 26.62 30.19 13.55
N LYS B 196 27.68 29.77 12.85
CA LYS B 196 28.01 30.30 11.53
C LYS B 196 28.06 29.14 10.56
N VAL B 197 27.25 29.24 9.52
CA VAL B 197 27.06 28.16 8.57
C VAL B 197 27.65 28.62 7.24
N THR B 198 28.66 27.93 6.77
CA THR B 198 29.41 28.39 5.60
C THR B 198 29.23 27.43 4.43
N GLN B 199 29.04 28.02 3.26
CA GLN B 199 28.77 27.31 2.03
C GLN B 199 29.70 27.97 1.01
N GLY B 200 30.92 27.50 0.90
CA GLY B 200 31.83 28.17 -0.02
C GLY B 200 32.18 29.58 0.39
N THR B 201 31.90 30.57 -0.46
CA THR B 201 32.17 31.97 -0.13
C THR B 201 31.00 32.66 0.58
N THR B 202 29.94 31.93 0.90
CA THR B 202 28.77 32.45 1.60
C THR B 202 28.78 31.97 3.04
N SER B 203 28.42 32.84 3.97
CA SER B 203 28.20 32.38 5.34
C SER B 203 26.87 32.96 5.81
N VAL B 204 26.15 32.20 6.63
CA VAL B 204 24.94 32.69 7.24
C VAL B 204 25.14 32.53 8.73
N VAL B 205 24.88 33.58 9.50
CA VAL B 205 25.28 33.62 10.89
C VAL B 205 24.08 33.95 11.75
N GLN B 206 23.90 33.22 12.86
CA GLN B 206 22.81 33.53 13.76
C GLN B 206 23.36 33.54 15.18
N SER B 207 22.93 34.50 16.00
CA SER B 207 23.49 34.67 17.34
C SER B 207 22.38 34.91 18.36
N PHE B 208 22.70 34.70 19.63
CA PHE B 208 21.87 35.24 20.68
C PHE B 208 22.77 35.58 21.85
N ASN B 209 22.26 36.44 22.71
CA ASN B 209 22.91 36.85 23.94
C ASN B 209 22.21 36.18 25.13
N ARG B 210 22.98 35.45 25.95
CA ARG B 210 22.39 34.64 27.02
C ARG B 210 21.51 35.48 27.94
N GLY B 211 21.80 36.77 28.07
CA GLY B 211 20.95 37.62 28.90
C GLY B 211 19.53 37.84 28.38
N ASP B 212 19.33 37.76 27.06
CA ASP B 212 18.07 38.15 26.43
C ASP B 212 17.05 37.02 26.31
N CYS B 213 17.33 35.82 26.82
CA CYS B 213 16.42 34.70 26.63
C CYS B 213 16.41 33.81 27.86
N SER C 2 -34.24 -22.27 -14.68
CA SER C 2 -33.21 -21.53 -13.97
C SER C 2 -32.54 -22.42 -12.98
N VAL C 3 -31.41 -21.97 -12.44
CA VAL C 3 -30.69 -22.71 -11.41
C VAL C 3 -30.37 -21.70 -10.32
N GLU C 4 -30.15 -22.20 -9.10
CA GLU C 4 -29.85 -21.31 -7.98
C GLU C 4 -28.99 -21.99 -6.93
N GLU C 5 -27.91 -21.33 -6.52
CA GLU C 5 -26.99 -21.86 -5.52
C GLU C 5 -27.39 -21.40 -4.14
N SER C 6 -27.05 -22.21 -3.14
CA SER C 6 -27.19 -21.76 -1.77
C SER C 6 -26.04 -22.35 -0.97
N GLY C 7 -25.75 -21.70 0.15
CA GLY C 7 -24.84 -22.27 1.14
C GLY C 7 -23.60 -21.46 1.41
N GLY C 8 -23.32 -20.40 0.64
CA GLY C 8 -22.12 -19.62 0.88
C GLY C 8 -22.18 -18.92 2.23
N ARG C 9 -21.03 -18.81 2.86
CA ARG C 9 -20.91 -18.21 4.18
C ARG C 9 -19.44 -18.06 4.46
N LEU C 10 -19.13 -17.42 5.58
CA LEU C 10 -17.78 -17.37 6.09
C LEU C 10 -17.41 -18.76 6.63
N VAL C 11 -16.21 -19.23 6.31
CA VAL C 11 -15.73 -20.55 6.70
C VAL C 11 -14.40 -20.41 7.43
N THR C 12 -14.25 -21.10 8.58
CA THR C 12 -12.96 -21.11 9.25
C THR C 12 -11.89 -21.70 8.34
N PRO C 13 -10.67 -21.16 8.36
CA PRO C 13 -9.59 -21.74 7.53
C PRO C 13 -9.43 -23.24 7.78
N GLY C 14 -9.22 -23.98 6.70
CA GLY C 14 -9.19 -25.43 6.77
C GLY C 14 -10.53 -26.12 6.82
N GLY C 15 -11.64 -25.38 6.88
CA GLY C 15 -12.95 -25.98 7.04
C GLY C 15 -13.53 -26.54 5.74
N SER C 16 -14.68 -27.19 5.88
CA SER C 16 -15.41 -27.76 4.76
C SER C 16 -16.70 -26.98 4.55
N LEU C 17 -17.25 -27.10 3.35
CA LEU C 17 -18.54 -26.48 3.07
C LEU C 17 -19.18 -27.20 1.90
N THR C 18 -20.50 -27.41 1.99
CA THR C 18 -21.27 -27.94 0.87
C THR C 18 -22.16 -26.87 0.29
N LEU C 19 -22.07 -26.67 -1.02
CA LEU C 19 -22.99 -25.79 -1.72
C LEU C 19 -24.02 -26.64 -2.45
N THR C 20 -25.24 -26.11 -2.56
CA THR C 20 -26.32 -26.83 -3.21
C THR C 20 -26.86 -26.00 -4.36
N CYS C 21 -27.12 -26.67 -5.47
CA CYS C 21 -27.76 -26.06 -6.64
C CYS C 21 -29.15 -26.67 -6.80
N THR C 22 -30.20 -25.84 -6.71
CA THR C 22 -31.57 -26.30 -6.96
CA THR C 22 -31.56 -26.31 -6.97
C THR C 22 -31.99 -25.84 -8.34
N VAL C 23 -32.63 -26.73 -9.09
CA VAL C 23 -33.01 -26.41 -10.46
C VAL C 23 -34.51 -26.23 -10.55
N SER C 24 -34.93 -25.54 -11.61
CA SER C 24 -36.33 -25.26 -11.86
C SER C 24 -36.60 -25.32 -13.36
N GLY C 25 -37.62 -26.09 -13.76
CA GLY C 25 -38.06 -26.04 -15.15
C GLY C 25 -37.43 -27.06 -16.07
N PHE C 26 -36.61 -27.97 -15.54
CA PHE C 26 -35.98 -29.00 -16.37
C PHE C 26 -35.53 -30.13 -15.46
N SER C 27 -35.15 -31.26 -16.09
CA SER C 27 -34.81 -32.50 -15.39
C SER C 27 -33.29 -32.72 -15.34
N LEU C 28 -32.75 -32.97 -14.14
CA LEU C 28 -31.35 -33.39 -14.02
C LEU C 28 -31.07 -34.74 -14.66
N SER C 29 -32.09 -35.48 -15.09
CA SER C 29 -31.85 -36.69 -15.89
C SER C 29 -31.72 -36.43 -17.38
N ARG C 30 -31.90 -35.19 -17.80
CA ARG C 30 -31.84 -34.88 -19.21
C ARG C 30 -30.81 -33.79 -19.51
N TYR C 31 -30.19 -33.20 -18.49
CA TYR C 31 -29.21 -32.11 -18.68
C TYR C 31 -27.97 -32.34 -17.84
N ASN C 32 -26.80 -32.03 -18.41
CA ASN C 32 -25.57 -31.91 -17.64
C ASN C 32 -25.60 -30.63 -16.79
N MET C 33 -24.73 -30.61 -15.77
CA MET C 33 -24.60 -29.48 -14.87
C MET C 33 -23.13 -29.26 -14.57
N GLY C 34 -22.85 -28.14 -13.93
CA GLY C 34 -21.46 -27.90 -13.54
C GLY C 34 -21.36 -26.85 -12.46
N TRP C 35 -20.12 -26.61 -12.05
CA TRP C 35 -19.79 -25.56 -11.10
C TRP C 35 -18.61 -24.75 -11.64
N VAL C 36 -18.66 -23.45 -11.36
CA VAL C 36 -17.65 -22.45 -11.77
C VAL C 36 -17.43 -21.53 -10.58
N ARG C 37 -16.21 -20.98 -10.43
CA ARG C 37 -16.07 -19.96 -9.40
C ARG C 37 -15.32 -18.76 -9.99
N GLN C 38 -15.39 -17.66 -9.25
CA GLN C 38 -14.75 -16.42 -9.71
C GLN C 38 -14.38 -15.60 -8.49
N ALA C 39 -13.06 -15.44 -8.28
CA ALA C 39 -12.52 -14.64 -7.21
C ALA C 39 -12.63 -13.16 -7.56
N PRO C 40 -12.75 -12.30 -6.58
CA PRO C 40 -12.96 -10.89 -6.89
C PRO C 40 -11.87 -10.33 -7.81
N GLY C 41 -12.28 -9.80 -8.96
CA GLY C 41 -11.39 -9.23 -9.94
C GLY C 41 -10.70 -10.20 -10.88
N LYS C 42 -10.99 -11.49 -10.82
CA LYS C 42 -10.30 -12.48 -11.63
C LYS C 42 -11.25 -13.12 -12.63
N GLY C 43 -10.74 -14.08 -13.41
CA GLY C 43 -11.52 -14.71 -14.43
C GLY C 43 -12.32 -15.92 -13.91
N LEU C 44 -13.14 -16.45 -14.79
CA LEU C 44 -13.92 -17.66 -14.51
C LEU C 44 -13.01 -18.85 -14.39
N GLU C 45 -13.25 -19.67 -13.37
CA GLU C 45 -12.50 -20.91 -13.16
CA GLU C 45 -12.51 -20.91 -13.17
C GLU C 45 -13.50 -22.06 -13.14
N TRP C 46 -13.40 -22.92 -14.10
CA TRP C 46 -14.17 -24.15 -14.15
C TRP C 46 -13.80 -25.06 -12.99
N ILE C 47 -14.80 -25.62 -12.30
CA ILE C 47 -14.53 -26.55 -11.18
C ILE C 47 -14.84 -27.99 -11.59
N GLY C 48 -16.00 -28.23 -12.21
CA GLY C 48 -16.33 -29.59 -12.61
C GLY C 48 -17.64 -29.66 -13.36
N TRP C 49 -17.95 -30.86 -13.83
CA TRP C 49 -19.03 -31.07 -14.79
C TRP C 49 -19.60 -32.43 -14.49
N ILE C 50 -20.91 -32.50 -14.23
CA ILE C 50 -21.55 -33.80 -13.95
C ILE C 50 -22.56 -34.06 -15.07
N PRO C 51 -22.28 -34.98 -16.00
CA PRO C 51 -23.21 -35.23 -17.10
C PRO C 51 -24.39 -36.09 -16.64
N PHE C 52 -25.48 -36.05 -17.40
CA PHE C 52 -26.60 -36.89 -16.97
C PHE C 52 -26.30 -38.37 -17.24
N ARG C 53 -25.36 -38.67 -18.13
CA ARG C 53 -24.84 -40.03 -18.30
C ARG C 53 -23.31 -39.98 -18.32
N GLY C 54 -22.65 -40.88 -17.60
CA GLY C 54 -21.20 -40.98 -17.68
C GLY C 54 -20.51 -40.40 -16.46
N SER C 55 -19.18 -40.23 -16.60
CA SER C 55 -18.33 -39.90 -15.47
C SER C 55 -18.23 -38.40 -15.20
N LEU C 56 -18.16 -38.05 -13.91
CA LEU C 56 -17.80 -36.71 -13.45
C LEU C 56 -16.47 -36.30 -14.05
N LYS C 57 -16.30 -35.00 -14.29
CA LYS C 57 -15.01 -34.47 -14.70
C LYS C 57 -14.70 -33.27 -13.84
N TYR C 58 -13.44 -33.19 -13.37
CA TYR C 58 -12.99 -32.10 -12.49
C TYR C 58 -11.80 -31.38 -13.09
N ALA C 59 -11.73 -30.06 -12.83
CA ALA C 59 -10.48 -29.33 -13.04
C ALA C 59 -9.36 -29.99 -12.23
N THR C 60 -8.12 -29.92 -12.73
CA THR C 60 -7.04 -30.67 -12.07
C THR C 60 -6.79 -30.20 -10.65
N TRP C 61 -6.89 -28.88 -10.39
CA TRP C 61 -6.65 -28.40 -9.04
C TRP C 61 -7.76 -28.80 -8.07
N ALA C 62 -8.97 -29.15 -8.57
CA ALA C 62 -10.10 -29.46 -7.70
C ALA C 62 -10.13 -30.93 -7.31
N THR C 63 -9.46 -31.78 -8.09
CA THR C 63 -9.53 -33.23 -7.88
C THR C 63 -8.97 -33.57 -6.53
N GLY C 64 -9.72 -34.36 -5.76
CA GLY C 64 -9.24 -34.81 -4.48
C GLY C 64 -9.55 -33.89 -3.31
N ARG C 65 -9.98 -32.66 -3.55
CA ARG C 65 -10.45 -31.82 -2.47
C ARG C 65 -11.89 -31.37 -2.62
N PHE C 66 -12.42 -31.36 -3.84
CA PHE C 66 -13.82 -31.04 -4.12
C PHE C 66 -14.47 -32.23 -4.77
N THR C 67 -15.75 -32.50 -4.43
CA THR C 67 -16.54 -33.52 -5.13
C THR C 67 -17.90 -32.94 -5.50
N ILE C 68 -18.46 -33.44 -6.60
CA ILE C 68 -19.78 -33.07 -7.10
C ILE C 68 -20.68 -34.30 -7.09
N SER C 69 -21.93 -34.12 -6.62
CA SER C 69 -22.86 -35.25 -6.60
C SER C 69 -24.26 -34.76 -6.94
N ARG C 70 -25.21 -35.70 -7.12
CA ARG C 70 -26.59 -35.32 -7.48
C ARG C 70 -27.59 -35.98 -6.52
N THR C 71 -28.78 -35.37 -6.46
CA THR C 71 -30.03 -36.00 -6.03
C THR C 71 -30.99 -35.89 -7.20
N SER C 72 -32.25 -36.32 -6.99
CA SER C 72 -33.20 -36.18 -8.08
C SER C 72 -33.53 -34.73 -8.37
N THR C 73 -33.28 -33.80 -7.42
CA THR C 73 -33.66 -32.41 -7.59
C THR C 73 -32.53 -31.41 -7.41
N THR C 74 -31.32 -31.86 -7.09
CA THR C 74 -30.23 -30.92 -6.78
C THR C 74 -28.90 -31.51 -7.26
N VAL C 75 -27.89 -30.63 -7.40
CA VAL C 75 -26.50 -31.08 -7.45
C VAL C 75 -25.76 -30.31 -6.36
N ASP C 76 -24.66 -30.90 -5.86
CA ASP C 76 -23.92 -30.22 -4.82
C ASP C 76 -22.45 -30.17 -5.18
N LEU C 77 -21.75 -29.37 -4.38
CA LEU C 77 -20.31 -29.19 -4.49
C LEU C 77 -19.82 -29.22 -3.06
N ARG C 78 -19.15 -30.30 -2.69
CA ARG C 78 -18.63 -30.43 -1.34
C ARG C 78 -17.14 -30.12 -1.36
N MET C 79 -16.75 -29.10 -0.61
CA MET C 79 -15.40 -28.58 -0.61
C MET C 79 -14.74 -28.88 0.73
N THR C 80 -13.45 -29.20 0.66
CA THR C 80 -12.68 -29.44 1.86
C THR C 80 -11.38 -28.66 1.81
N GLY C 81 -10.76 -28.56 2.98
CA GLY C 81 -9.50 -27.85 3.12
C GLY C 81 -9.52 -26.43 2.58
N LEU C 82 -10.63 -25.70 2.82
CA LEU C 82 -10.78 -24.37 2.22
C LEU C 82 -9.78 -23.40 2.83
N THR C 83 -9.11 -22.62 1.98
CA THR C 83 -8.24 -21.53 2.44
C THR C 83 -8.70 -20.21 1.83
N ALA C 84 -8.00 -19.14 2.20
CA ALA C 84 -8.36 -17.84 1.63
C ALA C 84 -8.24 -17.81 0.10
N ALA C 85 -7.42 -18.70 -0.50
CA ALA C 85 -7.35 -18.77 -1.96
C ALA C 85 -8.63 -19.29 -2.59
N ASP C 86 -9.53 -19.85 -1.80
CA ASP C 86 -10.81 -20.35 -2.30
C ASP C 86 -11.93 -19.33 -2.16
N THR C 87 -11.62 -18.15 -1.61
CA THR C 87 -12.63 -17.10 -1.49
C THR C 87 -13.07 -16.67 -2.88
N ALA C 88 -14.37 -16.78 -3.13
CA ALA C 88 -14.86 -16.52 -4.49
C ALA C 88 -16.38 -16.53 -4.47
N THR C 89 -16.95 -16.07 -5.58
CA THR C 89 -18.35 -16.35 -5.88
C THR C 89 -18.38 -17.67 -6.61
N TYR C 90 -19.26 -18.58 -6.16
CA TYR C 90 -19.40 -19.89 -6.76
C TYR C 90 -20.73 -19.93 -7.51
N PHE C 91 -20.69 -20.42 -8.75
CA PHE C 91 -21.84 -20.46 -9.63
C PHE C 91 -22.15 -21.90 -9.94
N CYS C 92 -23.43 -22.28 -9.87
CA CYS C 92 -23.91 -23.49 -10.50
CA CYS C 92 -23.81 -23.51 -10.55
C CYS C 92 -24.34 -23.15 -11.92
N VAL C 93 -24.14 -24.09 -12.86
CA VAL C 93 -24.53 -23.89 -14.24
C VAL C 93 -25.25 -25.13 -14.77
N ARG C 94 -26.20 -24.88 -15.65
CA ARG C 94 -26.71 -25.92 -16.49
C ARG C 94 -25.84 -25.97 -17.73
N SER C 95 -25.52 -27.17 -18.17
CA SER C 95 -24.54 -27.38 -19.23
C SER C 95 -25.21 -28.09 -20.40
N SER C 96 -25.18 -27.46 -21.57
CA SER C 96 -25.86 -27.93 -22.78
C SER C 96 -25.34 -27.12 -23.98
N ASP C 97 -24.31 -27.63 -24.65
CA ASP C 97 -23.44 -26.82 -25.53
C ASP C 97 -22.94 -25.58 -24.80
N GLY C 98 -22.21 -25.81 -23.71
CA GLY C 98 -21.75 -24.75 -22.84
C GLY C 98 -22.75 -24.43 -21.75
N PHE C 99 -22.42 -23.42 -20.95
CA PHE C 99 -23.18 -23.16 -19.73
C PHE C 99 -24.30 -22.20 -20.09
N ASP C 100 -25.50 -22.74 -20.33
CA ASP C 100 -26.54 -21.86 -20.86
C ASP C 100 -27.42 -21.25 -19.78
N LEU C 101 -27.40 -21.78 -18.56
CA LEU C 101 -28.02 -21.11 -17.42
C LEU C 101 -26.99 -20.99 -16.33
N TRP C 102 -26.97 -19.82 -15.65
CA TRP C 102 -26.09 -19.55 -14.52
C TRP C 102 -26.92 -19.10 -13.34
N GLY C 103 -26.54 -19.54 -12.15
CA GLY C 103 -27.12 -19.01 -10.94
C GLY C 103 -26.64 -17.59 -10.70
N PRO C 104 -27.23 -16.92 -9.73
CA PRO C 104 -26.73 -15.60 -9.36
C PRO C 104 -25.42 -15.66 -8.61
N GLY C 105 -25.04 -16.83 -8.11
CA GLY C 105 -23.81 -17.01 -7.39
C GLY C 105 -24.06 -17.02 -5.89
N THR C 106 -23.22 -17.78 -5.17
CA THR C 106 -23.22 -17.71 -3.72
C THR C 106 -21.77 -17.49 -3.29
N LEU C 107 -21.55 -16.70 -2.26
CA LEU C 107 -20.20 -16.27 -1.88
C LEU C 107 -19.64 -17.14 -0.76
N VAL C 108 -18.41 -17.59 -0.96
CA VAL C 108 -17.68 -18.44 -0.01
C VAL C 108 -16.48 -17.61 0.42
N THR C 109 -16.34 -17.37 1.72
CA THR C 109 -15.31 -16.44 2.19
C THR C 109 -14.53 -17.13 3.29
N ILE C 110 -13.21 -17.19 3.15
CA ILE C 110 -12.36 -17.70 4.22
C ILE C 110 -11.54 -16.53 4.77
N SER C 111 -11.68 -16.26 6.04
CA SER C 111 -10.96 -15.17 6.66
C SER C 111 -9.64 -15.72 7.17
N SER C 112 -8.53 -15.31 6.54
CA SER C 112 -7.21 -15.72 7.01
C SER C 112 -7.05 -15.43 8.50
N SER C 113 -7.50 -14.26 8.95
CA SER C 113 -7.52 -13.89 10.36
C SER C 113 -8.62 -14.60 11.14
N SER C 114 -9.31 -15.58 10.54
CA SER C 114 -10.36 -16.34 11.23
C SER C 114 -11.42 -15.42 11.83
N GLY C 115 -11.68 -14.30 11.15
CA GLY C 115 -12.68 -13.36 11.65
C GLY C 115 -14.05 -14.01 11.82
N GLN C 116 -14.91 -13.32 12.58
CA GLN C 116 -16.30 -13.68 12.84
C GLN C 116 -17.23 -12.75 12.05
N PRO C 117 -18.46 -13.14 11.69
CA PRO C 117 -19.31 -12.21 10.94
C PRO C 117 -19.42 -10.90 11.70
N LYS C 118 -19.47 -9.79 10.94
CA LYS C 118 -19.47 -8.47 11.55
C LYS C 118 -20.50 -7.61 10.84
N ALA C 119 -21.42 -7.06 11.60
CA ALA C 119 -22.48 -6.25 10.99
C ALA C 119 -21.98 -4.87 10.57
N PRO C 120 -22.54 -4.30 9.51
CA PRO C 120 -22.08 -2.99 9.06
C PRO C 120 -22.59 -1.85 9.92
N SER C 121 -21.82 -0.74 9.94
CA SER C 121 -22.38 0.53 10.37
C SER C 121 -22.87 1.23 9.11
N VAL C 122 -23.92 2.04 9.26
CA VAL C 122 -24.50 2.73 8.10
C VAL C 122 -24.49 4.21 8.42
N PHE C 123 -23.87 5.01 7.55
CA PHE C 123 -23.85 6.43 7.79
C PHE C 123 -24.47 7.19 6.62
N PRO C 124 -25.23 8.24 6.89
CA PRO C 124 -25.76 9.05 5.79
C PRO C 124 -24.68 9.88 5.11
N LEU C 125 -24.83 10.06 3.81
CA LEU C 125 -23.97 10.94 3.01
C LEU C 125 -24.81 12.12 2.53
N ALA C 126 -24.41 13.31 2.92
CA ALA C 126 -25.13 14.51 2.47
C ALA C 126 -24.11 15.64 2.30
N PRO C 127 -24.26 16.46 1.27
CA PRO C 127 -23.27 17.52 1.03
C PRO C 127 -23.33 18.57 2.13
N CYS C 128 -22.24 19.33 2.26
CA CYS C 128 -22.23 20.49 3.14
C CYS C 128 -23.25 21.53 2.68
N CYS C 129 -23.53 22.49 3.56
CA CYS C 129 -24.36 23.62 3.18
C CYS C 129 -23.79 24.37 1.98
N GLY C 130 -24.45 24.24 0.82
CA GLY C 130 -23.99 24.87 -0.39
C GLY C 130 -24.55 26.28 -0.56
N ASP C 131 -23.80 27.12 -1.28
CA ASP C 131 -24.18 28.51 -1.42
C ASP C 131 -25.46 28.70 -2.25
N THR C 132 -25.77 27.75 -3.14
CA THR C 132 -26.90 27.86 -4.06
C THR C 132 -27.78 26.64 -3.89
N PRO C 133 -29.06 26.79 -3.52
CA PRO C 133 -29.95 25.63 -3.46
C PRO C 133 -30.32 25.18 -4.86
N SER C 134 -30.61 23.88 -4.98
CA SER C 134 -30.87 23.28 -6.28
C SER C 134 -32.15 22.46 -6.21
N SER C 135 -32.72 22.21 -7.39
CA SER C 135 -33.88 21.35 -7.50
C SER C 135 -33.52 19.87 -7.41
N THR C 136 -32.24 19.54 -7.59
CA THR C 136 -31.76 18.17 -7.52
C THR C 136 -30.62 18.12 -6.52
N VAL C 137 -30.49 16.99 -5.82
CA VAL C 137 -29.39 16.84 -4.89
C VAL C 137 -29.00 15.38 -4.90
N THR C 138 -27.73 15.13 -4.59
CA THR C 138 -27.22 13.76 -4.51
C THR C 138 -26.98 13.44 -3.05
N LEU C 139 -27.60 12.35 -2.60
CA LEU C 139 -27.55 11.86 -1.21
C LEU C 139 -27.08 10.41 -1.25
N GLY C 140 -26.67 9.88 -0.10
CA GLY C 140 -26.19 8.51 -0.18
C GLY C 140 -26.06 7.87 1.20
N CYS C 141 -25.59 6.62 1.21
CA CYS C 141 -25.28 5.91 2.44
CA CYS C 141 -25.26 5.95 2.45
C CYS C 141 -23.94 5.22 2.28
N LEU C 142 -23.15 5.26 3.34
CA LEU C 142 -21.89 4.54 3.46
C LEU C 142 -22.15 3.35 4.38
N VAL C 143 -21.79 2.16 3.91
CA VAL C 143 -22.00 0.93 4.64
C VAL C 143 -20.62 0.42 4.98
N LYS C 144 -20.24 0.48 6.24
CA LYS C 144 -18.84 0.36 6.61
C LYS C 144 -18.60 -0.80 7.58
N GLY C 145 -17.57 -1.60 7.28
CA GLY C 145 -17.04 -2.50 8.29
C GLY C 145 -17.73 -3.83 8.45
N TYR C 146 -18.13 -4.48 7.37
CA TYR C 146 -18.87 -5.73 7.49
C TYR C 146 -18.05 -6.90 6.95
N LEU C 147 -18.44 -8.11 7.40
CA LEU C 147 -17.82 -9.36 6.97
C LEU C 147 -18.83 -10.45 7.20
N PRO C 148 -19.04 -11.37 6.25
CA PRO C 148 -18.55 -11.37 4.88
C PRO C 148 -19.44 -10.53 3.96
N GLU C 149 -19.05 -10.43 2.69
CA GLU C 149 -20.00 -10.06 1.65
C GLU C 149 -21.11 -11.12 1.59
N PRO C 150 -22.28 -10.76 1.06
CA PRO C 150 -22.62 -9.44 0.53
C PRO C 150 -23.45 -8.59 1.48
N VAL C 151 -23.56 -7.29 1.16
CA VAL C 151 -24.66 -6.45 1.64
C VAL C 151 -25.52 -6.11 0.43
N THR C 152 -26.82 -5.84 0.66
CA THR C 152 -27.64 -5.27 -0.39
C THR C 152 -28.09 -3.89 0.04
N VAL C 153 -28.23 -3.00 -0.94
CA VAL C 153 -28.70 -1.65 -0.68
C VAL C 153 -29.79 -1.36 -1.71
N THR C 154 -30.96 -0.97 -1.23
CA THR C 154 -32.01 -0.40 -2.07
C THR C 154 -32.33 0.99 -1.56
N TRP C 155 -33.12 1.72 -2.34
CA TRP C 155 -33.56 3.04 -1.94
C TRP C 155 -35.08 3.10 -1.95
N ASN C 156 -35.66 3.72 -0.91
CA ASN C 156 -37.12 3.84 -0.80
C ASN C 156 -37.79 2.48 -1.04
N SER C 157 -37.27 1.45 -0.36
CA SER C 157 -37.78 0.09 -0.41
C SER C 157 -37.77 -0.50 -1.81
N GLY C 158 -36.85 -0.06 -2.66
CA GLY C 158 -36.73 -0.64 -3.97
C GLY C 158 -37.50 0.11 -5.03
N THR C 159 -38.29 1.12 -4.63
CA THR C 159 -39.06 1.92 -5.60
C THR C 159 -38.25 3.00 -6.28
N LEU C 160 -37.10 3.35 -5.73
CA LEU C 160 -36.24 4.35 -6.35
C LEU C 160 -35.02 3.66 -6.96
N THR C 161 -34.92 3.66 -8.29
CA THR C 161 -33.79 2.99 -8.94
C THR C 161 -33.13 3.92 -9.95
N ASN C 162 -33.88 4.86 -10.55
CA ASN C 162 -33.26 5.83 -11.44
C ASN C 162 -32.29 6.70 -10.65
N GLY C 163 -31.10 6.89 -11.19
CA GLY C 163 -30.22 7.83 -10.53
C GLY C 163 -29.41 7.23 -9.40
N VAL C 164 -29.48 5.93 -9.21
CA VAL C 164 -28.73 5.23 -8.16
C VAL C 164 -27.41 4.75 -8.71
N ARG C 165 -26.33 5.01 -7.97
CA ARG C 165 -25.00 4.45 -8.25
C ARG C 165 -24.52 3.76 -6.99
N THR C 166 -24.51 2.44 -7.01
CA THR C 166 -24.02 1.67 -5.88
C THR C 166 -22.66 1.10 -6.26
N PHE C 167 -21.61 1.54 -5.56
CA PHE C 167 -20.28 1.23 -6.02
C PHE C 167 -19.85 -0.17 -5.58
N PRO C 168 -18.94 -0.80 -6.30
CA PRO C 168 -18.38 -2.07 -5.83
C PRO C 168 -17.79 -1.93 -4.42
N SER C 169 -17.89 -3.00 -3.63
CA SER C 169 -17.32 -2.95 -2.30
C SER C 169 -15.80 -2.91 -2.38
N VAL C 170 -15.18 -2.46 -1.30
CA VAL C 170 -13.73 -2.45 -1.16
C VAL C 170 -13.38 -3.19 0.13
N ARG C 171 -12.33 -4.03 0.07
CA ARG C 171 -11.83 -4.71 1.28
C ARG C 171 -10.71 -3.88 1.93
N GLN C 172 -10.89 -3.50 3.20
CA GLN C 172 -9.89 -2.77 3.98
C GLN C 172 -8.73 -3.73 4.37
N SER C 173 -7.61 -3.15 4.83
CA SER C 173 -6.51 -4.03 5.24
C SER C 173 -6.91 -4.88 6.43
N SER C 174 -7.88 -4.42 7.22
CA SER C 174 -8.45 -5.21 8.31
C SER C 174 -9.12 -6.50 7.83
N GLY C 175 -9.50 -6.58 6.56
CA GLY C 175 -10.28 -7.69 6.07
C GLY C 175 -11.78 -7.44 6.05
N LEU C 176 -12.23 -6.34 6.63
CA LEU C 176 -13.63 -5.93 6.59
C LEU C 176 -13.92 -5.23 5.25
N TYR C 177 -15.21 -5.15 4.93
CA TYR C 177 -15.65 -4.55 3.67
C TYR C 177 -16.38 -3.25 3.92
N SER C 178 -16.38 -2.40 2.89
CA SER C 178 -17.22 -1.19 2.88
C SER C 178 -17.74 -0.99 1.48
N LEU C 179 -18.86 -0.28 1.39
CA LEU C 179 -19.54 -0.02 0.13
C LEU C 179 -20.28 1.31 0.30
N SER C 180 -20.34 2.08 -0.77
CA SER C 180 -21.18 3.28 -0.74
C SER C 180 -22.18 3.24 -1.88
N SER C 181 -23.29 3.96 -1.68
CA SER C 181 -24.38 4.06 -2.65
C SER C 181 -24.89 5.50 -2.61
N VAL C 182 -25.02 6.11 -3.78
CA VAL C 182 -25.55 7.47 -3.87
C VAL C 182 -26.72 7.47 -4.84
N VAL C 183 -27.61 8.46 -4.69
CA VAL C 183 -28.72 8.61 -5.61
C VAL C 183 -28.95 10.10 -5.84
N SER C 184 -29.24 10.48 -7.08
CA SER C 184 -29.54 11.87 -7.41
C SER C 184 -31.04 12.01 -7.56
N VAL C 185 -31.61 12.93 -6.83
CA VAL C 185 -33.08 13.01 -6.78
C VAL C 185 -33.57 14.44 -6.84
N THR C 186 -34.80 14.53 -7.31
CA THR C 186 -35.60 15.77 -7.21
C THR C 186 -36.50 15.65 -5.98
N SER C 187 -37.36 16.65 -5.72
CA SER C 187 -38.28 16.70 -4.57
C SER C 187 -39.13 15.43 -4.47
N SER C 188 -39.65 14.93 -5.58
CA SER C 188 -40.60 13.78 -5.60
C SER C 188 -40.10 12.58 -4.80
N SER C 189 -38.81 12.29 -4.87
CA SER C 189 -38.22 11.18 -4.11
C SER C 189 -37.90 11.56 -2.68
N GLN C 190 -37.95 12.85 -2.27
CA GLN C 190 -37.53 13.15 -0.87
C GLN C 190 -38.68 13.09 0.15
N PRO C 191 -38.50 12.54 1.36
CA PRO C 191 -37.20 12.12 1.88
C PRO C 191 -36.76 10.75 1.34
N VAL C 192 -35.46 10.56 1.20
CA VAL C 192 -35.00 9.26 0.65
C VAL C 192 -34.43 8.45 1.81
N THR C 193 -34.57 7.15 1.69
CA THR C 193 -34.20 6.20 2.74
C THR C 193 -33.42 5.09 2.06
N CYS C 194 -32.23 4.81 2.57
CA CYS C 194 -31.48 3.67 2.06
CA CYS C 194 -31.44 3.69 2.08
C CYS C 194 -31.77 2.47 2.94
N ASN C 195 -31.99 1.34 2.31
CA ASN C 195 -32.36 0.10 2.99
C ASN C 195 -31.18 -0.83 2.85
N VAL C 196 -30.49 -1.12 3.96
CA VAL C 196 -29.24 -1.88 3.93
C VAL C 196 -29.51 -3.21 4.57
N ALA C 197 -29.14 -4.30 3.91
CA ALA C 197 -29.26 -5.61 4.52
C ALA C 197 -27.94 -6.35 4.55
N HIS C 198 -27.66 -7.05 5.65
CA HIS C 198 -26.48 -7.90 5.75
C HIS C 198 -26.98 -9.24 6.27
N PRO C 199 -27.30 -10.15 5.37
CA PRO C 199 -27.89 -11.43 5.82
C PRO C 199 -27.01 -12.22 6.78
N ALA C 200 -25.69 -12.10 6.67
CA ALA C 200 -24.86 -12.93 7.55
C ALA C 200 -25.05 -12.58 9.03
N THR C 201 -25.44 -11.34 9.36
CA THR C 201 -25.71 -10.96 10.74
C THR C 201 -27.19 -10.67 10.99
N ASN C 202 -28.07 -11.05 10.04
CA ASN C 202 -29.50 -10.81 10.14
C ASN C 202 -29.78 -9.32 10.32
N THR C 203 -28.97 -8.48 9.67
CA THR C 203 -29.05 -7.03 9.86
C THR C 203 -29.95 -6.42 8.80
N LYS C 204 -30.85 -5.53 9.23
CA LYS C 204 -31.57 -4.68 8.31
C LYS C 204 -31.64 -3.29 8.89
N VAL C 205 -31.07 -2.33 8.16
CA VAL C 205 -31.03 -0.94 8.61
C VAL C 205 -31.71 -0.08 7.55
N ASP C 206 -32.64 0.77 8.00
CA ASP C 206 -33.27 1.76 7.10
C ASP C 206 -32.86 3.14 7.58
N LYS C 207 -32.15 3.90 6.75
CA LYS C 207 -31.58 5.16 7.16
C LYS C 207 -32.15 6.25 6.23
N THR C 208 -32.98 7.14 6.79
CA THR C 208 -33.44 8.29 6.03
C THR C 208 -32.37 9.37 6.03
N VAL C 209 -32.05 9.87 4.84
CA VAL C 209 -30.92 10.75 4.63
C VAL C 209 -31.48 12.15 4.41
N ALA C 210 -31.17 13.06 5.31
CA ALA C 210 -31.69 14.39 4.98
C ALA C 210 -30.56 15.28 4.47
N PRO C 211 -30.86 16.19 3.54
CA PRO C 211 -29.86 17.20 3.16
C PRO C 211 -29.57 18.10 4.37
N SER C 212 -28.35 18.63 4.41
CA SER C 212 -27.99 19.47 5.54
C SER C 212 -28.85 20.74 5.54
N THR C 213 -29.09 21.28 6.74
CA THR C 213 -30.10 22.32 6.95
C THR C 213 -29.46 23.72 6.89
N CYS C 214 -29.99 24.57 6.01
CA CYS C 214 -29.56 25.97 5.90
C CYS C 214 -30.44 26.72 4.90
N ASP D 1 -4.70 -26.02 -22.56
CA ASP D 1 -5.23 -24.83 -21.90
C ASP D 1 -5.78 -23.87 -22.97
N MET D 2 -6.39 -22.79 -22.51
CA MET D 2 -7.05 -21.79 -23.37
C MET D 2 -6.40 -20.43 -23.13
N THR D 3 -5.93 -19.78 -24.21
CA THR D 3 -5.25 -18.48 -24.09
C THR D 3 -5.98 -17.44 -24.94
N GLN D 4 -6.43 -16.37 -24.29
CA GLN D 4 -7.13 -15.27 -24.94
C GLN D 4 -6.18 -14.10 -25.10
N THR D 5 -6.30 -13.41 -26.22
CA THR D 5 -5.57 -12.19 -26.49
C THR D 5 -6.48 -11.25 -27.27
N PRO D 6 -6.31 -9.94 -27.12
CA PRO D 6 -5.47 -9.28 -26.12
C PRO D 6 -6.09 -9.41 -24.74
N ALA D 7 -5.37 -9.01 -23.70
CA ALA D 7 -5.99 -8.96 -22.39
C ALA D 7 -7.07 -7.87 -22.32
N SER D 8 -6.89 -6.78 -23.06
CA SER D 8 -7.86 -5.69 -23.08
C SER D 8 -7.75 -5.01 -24.43
N VAL D 9 -8.86 -4.46 -24.91
CA VAL D 9 -8.83 -3.70 -26.15
C VAL D 9 -9.83 -2.56 -26.01
N GLU D 10 -9.47 -1.39 -26.51
CA GLU D 10 -10.37 -0.25 -26.51
C GLU D 10 -10.72 0.08 -27.95
N ALA D 11 -12.00 0.35 -28.18
CA ALA D 11 -12.48 0.70 -29.51
C ALA D 11 -13.66 1.67 -29.44
N VAL D 12 -13.79 2.51 -30.49
CA VAL D 12 -14.82 3.54 -30.47
C VAL D 12 -16.21 2.95 -30.60
N VAL D 13 -17.20 3.67 -30.07
CA VAL D 13 -18.58 3.39 -30.40
C VAL D 13 -18.72 3.31 -31.91
N GLY D 14 -19.53 2.36 -32.35
CA GLY D 14 -19.71 2.00 -33.74
C GLY D 14 -18.57 1.24 -34.38
N GLY D 15 -17.49 0.96 -33.66
CA GLY D 15 -16.31 0.36 -34.23
C GLY D 15 -16.42 -1.16 -34.24
N THR D 16 -15.29 -1.80 -34.55
CA THR D 16 -15.24 -3.27 -34.65
C THR D 16 -13.96 -3.77 -33.99
N VAL D 17 -14.05 -4.84 -33.18
CA VAL D 17 -12.86 -5.50 -32.67
C VAL D 17 -12.95 -6.99 -32.96
N THR D 18 -11.79 -7.62 -33.15
CA THR D 18 -11.71 -9.07 -33.22
C THR D 18 -10.81 -9.49 -32.08
N ILE D 19 -11.29 -10.40 -31.22
CA ILE D 19 -10.49 -10.93 -30.13
C ILE D 19 -10.25 -12.42 -30.36
N LYS D 20 -9.18 -12.95 -29.76
CA LYS D 20 -8.66 -14.27 -30.14
C LYS D 20 -8.66 -15.24 -28.97
N CYS D 21 -8.90 -16.50 -29.30
CA CYS D 21 -8.84 -17.59 -28.33
C CYS D 21 -8.08 -18.74 -28.99
N GLN D 22 -7.03 -19.22 -28.30
CA GLN D 22 -6.21 -20.31 -28.81
C GLN D 22 -6.26 -21.48 -27.83
N ALA D 23 -6.61 -22.64 -28.34
CA ALA D 23 -6.59 -23.88 -27.58
C ALA D 23 -5.25 -24.58 -27.84
N SER D 24 -4.58 -25.04 -26.76
CA SER D 24 -3.34 -25.79 -26.98
C SER D 24 -3.61 -27.17 -27.56
N ARG D 25 -4.79 -27.72 -27.33
CA ARG D 25 -5.21 -28.98 -27.93
C ARG D 25 -6.47 -28.76 -28.74
N ASP D 26 -6.65 -29.56 -29.77
CA ASP D 26 -7.76 -29.35 -30.68
C ASP D 26 -9.10 -29.53 -29.98
N THR D 27 -9.96 -28.51 -30.07
CA THR D 27 -11.27 -28.62 -29.43
C THR D 27 -12.41 -28.52 -30.46
N GLY D 28 -12.12 -28.88 -31.71
CA GLY D 28 -13.18 -29.05 -32.69
C GLY D 28 -14.05 -27.81 -32.84
N ASP D 29 -15.37 -28.00 -32.78
CA ASP D 29 -16.29 -26.88 -32.64
C ASP D 29 -16.85 -26.77 -31.21
N GLY D 30 -16.21 -27.42 -30.24
CA GLY D 30 -16.71 -27.44 -28.85
C GLY D 30 -16.15 -26.21 -28.17
N LEU D 31 -16.66 -25.05 -28.57
CA LEU D 31 -16.09 -23.76 -28.18
C LEU D 31 -17.24 -22.79 -27.95
N ILE D 32 -17.30 -22.20 -26.74
CA ILE D 32 -18.40 -21.31 -26.35
C ILE D 32 -17.82 -19.96 -25.95
N TRP D 33 -18.53 -18.88 -26.30
CA TRP D 33 -18.16 -17.54 -25.89
C TRP D 33 -19.18 -16.98 -24.90
N TYR D 34 -18.71 -16.31 -23.85
CA TYR D 34 -19.60 -15.62 -22.90
C TYR D 34 -19.27 -14.13 -22.81
N GLN D 35 -20.29 -13.32 -22.51
CA GLN D 35 -20.12 -11.91 -22.14
C GLN D 35 -20.38 -11.78 -20.66
N GLN D 36 -19.52 -11.08 -19.91
CA GLN D 36 -19.82 -10.83 -18.51
C GLN D 36 -19.57 -9.38 -18.17
N LYS D 37 -20.60 -8.74 -17.65
CA LYS D 37 -20.40 -7.39 -17.14
C LYS D 37 -20.11 -7.45 -15.65
N PRO D 38 -19.29 -6.52 -15.17
CA PRO D 38 -18.92 -6.54 -13.75
C PRO D 38 -20.16 -6.54 -12.87
N GLY D 39 -20.14 -7.41 -11.87
CA GLY D 39 -21.23 -7.61 -10.95
C GLY D 39 -22.39 -8.45 -11.45
N GLN D 40 -22.32 -9.02 -12.65
CA GLN D 40 -23.40 -9.89 -13.13
C GLN D 40 -22.82 -11.26 -13.46
N PRO D 41 -23.64 -12.31 -13.45
CA PRO D 41 -23.19 -13.61 -13.98
C PRO D 41 -22.89 -13.50 -15.47
N PRO D 42 -22.11 -14.40 -16.03
CA PRO D 42 -21.88 -14.41 -17.47
C PRO D 42 -23.15 -14.78 -18.22
N LYS D 43 -23.18 -14.38 -19.50
CA LYS D 43 -24.23 -14.73 -20.44
C LYS D 43 -23.62 -15.46 -21.63
N ARG D 44 -24.17 -16.63 -21.96
CA ARG D 44 -23.70 -17.35 -23.16
C ARG D 44 -24.03 -16.57 -24.43
N LEU D 45 -23.02 -16.32 -25.28
CA LEU D 45 -23.23 -15.60 -26.51
C LEU D 45 -23.31 -16.49 -27.74
N ILE D 46 -22.36 -17.41 -27.86
CA ILE D 46 -22.15 -18.22 -29.06
C ILE D 46 -21.74 -19.60 -28.58
N TYR D 47 -22.26 -20.63 -29.23
CA TYR D 47 -21.84 -21.99 -28.91
C TYR D 47 -21.54 -22.69 -30.24
N LYS D 48 -20.86 -23.84 -30.15
CA LYS D 48 -20.41 -24.60 -31.31
C LYS D 48 -19.58 -23.68 -32.22
N ALA D 49 -18.79 -22.83 -31.57
CA ALA D 49 -17.88 -21.86 -32.19
C ALA D 49 -18.56 -20.72 -32.95
N SER D 50 -19.70 -20.96 -33.62
CA SER D 50 -20.25 -19.94 -34.51
C SER D 50 -21.76 -19.74 -34.44
N THR D 51 -22.48 -20.51 -33.63
CA THR D 51 -23.93 -20.41 -33.54
C THR D 51 -24.29 -19.39 -32.47
N VAL D 52 -24.99 -18.31 -32.86
CA VAL D 52 -25.36 -17.30 -31.87
C VAL D 52 -26.49 -17.83 -31.02
N ALA D 53 -26.46 -17.52 -29.74
CA ALA D 53 -27.52 -18.02 -28.87
C ALA D 53 -28.77 -17.17 -29.07
N SER D 54 -29.91 -17.68 -28.58
CA SER D 54 -31.17 -17.00 -28.92
C SER D 54 -31.16 -15.57 -28.39
N GLY D 55 -31.55 -14.63 -29.24
CA GLY D 55 -31.65 -13.24 -28.84
C GLY D 55 -30.37 -12.44 -28.97
N VAL D 56 -29.23 -13.10 -29.18
CA VAL D 56 -27.95 -12.41 -29.38
C VAL D 56 -27.91 -11.84 -30.79
N PRO D 57 -27.53 -10.57 -30.97
CA PRO D 57 -27.53 -9.95 -32.31
C PRO D 57 -26.39 -10.47 -33.17
N SER D 58 -26.58 -10.37 -34.48
CA SER D 58 -25.64 -10.95 -35.44
C SER D 58 -24.33 -10.18 -35.52
N ARG D 59 -24.24 -8.99 -34.92
CA ARG D 59 -22.95 -8.29 -34.86
CA ARG D 59 -22.93 -8.37 -34.96
C ARG D 59 -21.92 -9.04 -34.04
N PHE D 60 -22.32 -10.05 -33.28
CA PHE D 60 -21.38 -10.92 -32.57
C PHE D 60 -21.10 -12.11 -33.46
N LYS D 61 -19.89 -12.23 -33.98
CA LYS D 61 -19.64 -13.22 -35.03
C LYS D 61 -18.49 -14.09 -34.56
N GLY D 62 -18.79 -15.33 -34.20
CA GLY D 62 -17.76 -16.27 -33.76
C GLY D 62 -17.30 -17.14 -34.91
N ARG D 63 -15.98 -17.33 -35.00
CA ARG D 63 -15.40 -18.06 -36.13
C ARG D 63 -14.28 -18.94 -35.61
N GLY D 64 -13.88 -19.89 -36.44
CA GLY D 64 -12.74 -20.72 -36.10
C GLY D 64 -13.12 -22.17 -35.87
N SER D 65 -12.07 -22.97 -35.69
CA SER D 65 -12.22 -24.38 -35.46
C SER D 65 -10.89 -24.90 -34.93
N GLY D 66 -10.98 -26.01 -34.19
CA GLY D 66 -9.79 -26.71 -33.80
C GLY D 66 -8.99 -26.06 -32.71
N THR D 67 -7.95 -25.29 -33.06
CA THR D 67 -7.12 -24.65 -32.06
C THR D 67 -7.18 -23.12 -32.09
N ASP D 68 -7.86 -22.52 -33.06
CA ASP D 68 -7.81 -21.06 -33.18
C ASP D 68 -9.20 -20.54 -33.47
N PHE D 69 -9.67 -19.64 -32.61
CA PHE D 69 -11.02 -19.09 -32.71
C PHE D 69 -10.98 -17.59 -32.52
N THR D 70 -12.01 -16.93 -33.06
CA THR D 70 -12.13 -15.49 -32.93
C THR D 70 -13.58 -15.14 -32.65
N LEU D 71 -13.76 -13.98 -31.99
CA LEU D 71 -15.04 -13.30 -31.81
C LEU D 71 -14.85 -11.90 -32.36
N THR D 72 -15.58 -11.58 -33.42
CA THR D 72 -15.60 -10.23 -33.97
C THR D 72 -16.89 -9.55 -33.51
N ILE D 73 -16.77 -8.39 -32.87
CA ILE D 73 -17.95 -7.62 -32.48
C ILE D 73 -17.93 -6.37 -33.33
N SER D 74 -18.90 -6.20 -34.22
CA SER D 74 -18.98 -4.98 -35.02
C SER D 74 -20.06 -4.07 -34.49
N ASP D 75 -20.04 -2.82 -34.96
CA ASP D 75 -21.03 -1.82 -34.58
C ASP D 75 -21.15 -1.72 -33.06
N LEU D 76 -19.99 -1.55 -32.41
CA LEU D 76 -19.90 -1.60 -30.96
C LEU D 76 -20.84 -0.59 -30.34
N GLU D 77 -21.48 -1.01 -29.26
CA GLU D 77 -22.37 -0.16 -28.47
C GLU D 77 -21.74 -0.05 -27.09
N CYS D 78 -22.05 1.04 -26.37
CA CYS D 78 -21.63 1.14 -24.98
C CYS D 78 -22.10 -0.09 -24.22
N ALA D 79 -23.24 -0.67 -24.63
CA ALA D 79 -23.80 -1.84 -23.97
C ALA D 79 -22.94 -3.10 -24.14
N ASP D 80 -21.97 -3.07 -25.04
CA ASP D 80 -21.09 -4.22 -25.26
C ASP D 80 -19.86 -4.20 -24.38
N ALA D 81 -19.65 -3.11 -23.67
CA ALA D 81 -18.50 -3.07 -22.76
C ALA D 81 -18.65 -4.17 -21.71
N ALA D 82 -17.64 -5.04 -21.64
CA ALA D 82 -17.73 -6.26 -20.86
C ALA D 82 -16.42 -7.02 -20.98
N THR D 83 -16.29 -8.12 -20.23
CA THR D 83 -15.22 -9.06 -20.44
C THR D 83 -15.78 -10.29 -21.14
N TYR D 84 -15.08 -10.76 -22.15
CA TYR D 84 -15.53 -11.87 -22.97
C TYR D 84 -14.63 -13.07 -22.69
N TYR D 85 -15.22 -14.24 -22.44
CA TYR D 85 -14.49 -15.45 -22.13
C TYR D 85 -14.76 -16.51 -23.18
N CYS D 86 -13.73 -17.26 -23.56
CA CYS D 86 -14.00 -18.48 -24.34
C CYS D 86 -13.87 -19.72 -23.44
N HIS D 87 -14.40 -20.84 -23.95
CA HIS D 87 -14.64 -22.01 -23.09
C HIS D 87 -14.69 -23.26 -23.96
N SER D 88 -13.81 -24.22 -23.66
CA SER D 88 -13.80 -25.50 -24.35
C SER D 88 -14.63 -26.51 -23.58
N ASN D 89 -15.49 -27.26 -24.29
CA ASN D 89 -16.32 -28.25 -23.58
C ASN D 89 -15.98 -29.69 -23.96
N PHE D 90 -14.73 -29.96 -24.33
CA PHE D 90 -14.32 -31.34 -24.67
C PHE D 90 -13.95 -32.11 -23.41
N TYR D 91 -14.86 -32.18 -22.42
CA TYR D 91 -14.52 -32.79 -21.14
C TYR D 91 -14.23 -34.27 -21.26
N ASN D 92 -14.75 -34.93 -22.29
CA ASN D 92 -14.57 -36.37 -22.45
C ASN D 92 -13.38 -36.67 -23.34
N ARG D 93 -12.59 -35.67 -23.71
CA ARG D 93 -11.36 -35.90 -24.46
C ARG D 93 -10.13 -35.41 -23.72
N TRP D 94 -10.18 -34.21 -23.15
CA TRP D 94 -9.03 -33.61 -22.51
C TRP D 94 -9.24 -33.42 -21.03
N THR D 95 -8.14 -33.40 -20.29
CA THR D 95 -8.15 -32.89 -18.93
C THR D 95 -7.89 -31.40 -18.97
N TYR D 96 -8.36 -30.69 -17.95
CA TYR D 96 -8.23 -29.23 -17.93
C TYR D 96 -7.77 -28.77 -16.56
N GLY D 97 -6.80 -27.85 -16.54
CA GLY D 97 -6.64 -26.99 -15.39
C GLY D 97 -7.77 -25.98 -15.30
N ASN D 98 -8.13 -25.37 -16.44
CA ASN D 98 -9.28 -24.47 -16.58
C ASN D 98 -9.81 -24.63 -18.00
N ALA D 99 -11.14 -24.80 -18.12
CA ALA D 99 -11.76 -24.90 -19.43
C ALA D 99 -12.04 -23.54 -20.04
N PHE D 100 -11.95 -22.46 -19.27
CA PHE D 100 -12.15 -21.10 -19.76
C PHE D 100 -10.81 -20.49 -20.14
N GLY D 101 -10.83 -19.67 -21.18
CA GLY D 101 -9.75 -18.73 -21.36
C GLY D 101 -9.73 -17.69 -20.26
N GLY D 102 -8.66 -16.86 -20.26
CA GLY D 102 -8.51 -15.84 -19.21
C GLY D 102 -9.33 -14.57 -19.37
N GLY D 103 -10.04 -14.44 -20.47
CA GLY D 103 -10.86 -13.25 -20.60
C GLY D 103 -10.17 -12.15 -21.42
N THR D 104 -10.97 -11.41 -22.15
CA THR D 104 -10.56 -10.16 -22.81
C THR D 104 -11.54 -9.06 -22.41
N GLU D 105 -11.01 -7.98 -21.84
CA GLU D 105 -11.84 -6.82 -21.49
C GLU D 105 -11.99 -5.95 -22.73
N VAL D 106 -13.24 -5.62 -23.08
CA VAL D 106 -13.54 -4.73 -24.21
C VAL D 106 -14.03 -3.41 -23.63
N VAL D 107 -13.26 -2.36 -23.86
CA VAL D 107 -13.57 -1.00 -23.41
C VAL D 107 -14.10 -0.21 -24.61
N VAL D 108 -15.28 0.39 -24.47
CA VAL D 108 -15.90 1.09 -25.61
C VAL D 108 -15.74 2.58 -25.36
N LYS D 109 -15.18 3.29 -26.37
CA LYS D 109 -14.80 4.70 -26.22
C LYS D 109 -15.87 5.61 -26.84
N GLY D 110 -16.59 6.34 -25.98
CA GLY D 110 -17.44 7.43 -26.41
C GLY D 110 -16.70 8.75 -26.34
N ASP D 111 -17.47 9.83 -26.40
CA ASP D 111 -16.85 11.15 -26.29
C ASP D 111 -16.34 11.38 -24.88
N PRO D 112 -15.21 12.08 -24.75
CA PRO D 112 -14.69 12.40 -23.42
C PRO D 112 -15.58 13.40 -22.71
N VAL D 113 -15.71 13.22 -21.39
CA VAL D 113 -16.56 14.02 -20.53
C VAL D 113 -15.80 14.22 -19.23
N ALA D 114 -15.64 15.47 -18.78
CA ALA D 114 -15.08 15.66 -17.45
C ALA D 114 -16.11 15.37 -16.35
N PRO D 115 -15.66 14.88 -15.20
CA PRO D 115 -16.61 14.55 -14.12
C PRO D 115 -17.21 15.79 -13.48
N THR D 116 -18.39 15.62 -12.90
CA THR D 116 -18.74 16.50 -11.79
C THR D 116 -18.43 15.77 -10.50
N VAL D 117 -18.09 16.52 -9.48
CA VAL D 117 -17.49 15.95 -8.27
C VAL D 117 -18.28 16.41 -7.08
N LEU D 118 -18.55 15.48 -6.18
CA LEU D 118 -19.26 15.75 -4.94
C LEU D 118 -18.39 15.31 -3.78
N ILE D 119 -18.44 16.05 -2.66
CA ILE D 119 -17.74 15.59 -1.48
C ILE D 119 -18.76 15.52 -0.35
N PHE D 120 -18.62 14.49 0.50
CA PHE D 120 -19.57 14.26 1.60
C PHE D 120 -18.82 14.23 2.92
N PRO D 121 -19.00 15.23 3.77
CA PRO D 121 -18.35 15.19 5.08
C PRO D 121 -18.90 14.04 5.90
N PRO D 122 -18.16 13.57 6.90
CA PRO D 122 -18.64 12.43 7.69
C PRO D 122 -19.88 12.84 8.47
N ALA D 123 -20.85 11.93 8.55
CA ALA D 123 -22.04 12.24 9.34
C ALA D 123 -21.65 12.46 10.80
N ALA D 124 -22.52 13.20 11.51
CA ALA D 124 -22.23 13.56 12.89
C ALA D 124 -21.90 12.36 13.77
N ASP D 125 -22.47 11.19 13.48
CA ASP D 125 -22.24 10.09 14.41
C ASP D 125 -21.01 9.24 14.08
N GLN D 126 -20.29 9.52 12.99
CA GLN D 126 -19.03 8.82 12.74
C GLN D 126 -17.94 9.13 13.77
N VAL D 127 -17.80 10.40 14.16
CA VAL D 127 -16.60 10.79 14.88
C VAL D 127 -16.50 10.06 16.22
N ALA D 128 -17.65 9.78 16.86
CA ALA D 128 -17.59 9.09 18.15
C ALA D 128 -17.00 7.69 18.03
N THR D 129 -16.98 7.12 16.84
CA THR D 129 -16.51 5.76 16.68
C THR D 129 -14.99 5.66 16.69
N GLY D 130 -14.28 6.78 16.63
CA GLY D 130 -12.86 6.77 16.60
C GLY D 130 -12.25 6.88 15.23
N THR D 131 -13.03 6.62 14.19
CA THR D 131 -12.54 6.88 12.84
C THR D 131 -13.63 7.60 12.03
N VAL D 132 -13.20 8.35 11.01
CA VAL D 132 -14.14 9.01 10.12
C VAL D 132 -13.78 8.67 8.69
N THR D 133 -14.79 8.59 7.83
CA THR D 133 -14.62 8.31 6.41
C THR D 133 -15.28 9.43 5.64
N ILE D 134 -14.50 10.11 4.80
CA ILE D 134 -14.95 11.17 3.92
C ILE D 134 -15.12 10.58 2.53
N VAL D 135 -16.22 10.89 1.85
CA VAL D 135 -16.51 10.25 0.57
C VAL D 135 -16.48 11.32 -0.52
N CYS D 136 -15.80 11.03 -1.61
CA CYS D 136 -15.76 11.89 -2.78
C CYS D 136 -16.27 11.07 -3.95
N VAL D 137 -17.18 11.63 -4.75
CA VAL D 137 -17.72 10.91 -5.90
C VAL D 137 -17.47 11.70 -7.16
N ALA D 138 -16.94 11.02 -8.15
CA ALA D 138 -16.74 11.60 -9.49
C ALA D 138 -17.77 10.98 -10.40
N ASN D 139 -18.68 11.80 -10.94
CA ASN D 139 -19.80 11.23 -11.68
CA ASN D 139 -19.86 11.34 -11.68
C ASN D 139 -19.64 11.45 -13.17
N LYS D 140 -20.06 10.43 -13.92
CA LYS D 140 -20.28 10.53 -15.37
C LYS D 140 -19.09 11.11 -16.13
N TYR D 141 -18.01 10.31 -16.21
CA TYR D 141 -16.79 10.80 -16.83
C TYR D 141 -16.15 9.74 -17.73
N PHE D 142 -15.37 10.23 -18.68
CA PHE D 142 -14.57 9.38 -19.54
C PHE D 142 -13.51 10.29 -20.17
N PRO D 143 -12.23 9.88 -20.21
CA PRO D 143 -11.64 8.61 -19.80
C PRO D 143 -11.30 8.58 -18.31
N ASP D 144 -10.47 7.63 -17.90
CA ASP D 144 -10.22 7.41 -16.48
C ASP D 144 -9.58 8.63 -15.82
N VAL D 145 -9.83 8.77 -14.51
CA VAL D 145 -9.34 9.89 -13.73
C VAL D 145 -8.36 9.35 -12.68
N THR D 146 -7.62 10.28 -12.09
CA THR D 146 -6.87 10.01 -10.87
C THR D 146 -7.37 10.94 -9.77
N VAL D 147 -7.35 10.47 -8.53
CA VAL D 147 -7.88 11.24 -7.43
C VAL D 147 -6.75 11.56 -6.46
N THR D 148 -6.73 12.81 -6.02
CA THR D 148 -5.83 13.31 -4.99
C THR D 148 -6.67 13.86 -3.86
N TRP D 149 -6.29 13.53 -2.62
CA TRP D 149 -6.87 14.13 -1.42
C TRP D 149 -5.84 15.04 -0.77
N GLU D 150 -6.30 16.22 -0.34
CA GLU D 150 -5.50 17.19 0.41
C GLU D 150 -6.23 17.58 1.68
N VAL D 151 -5.49 17.70 2.78
CA VAL D 151 -6.03 18.13 4.07
C VAL D 151 -5.21 19.34 4.50
N ASP D 152 -5.84 20.51 4.58
CA ASP D 152 -5.12 21.75 4.85
C ASP D 152 -3.86 21.84 3.98
N GLY D 153 -4.00 21.46 2.70
CA GLY D 153 -2.92 21.52 1.74
C GLY D 153 -2.00 20.30 1.70
N THR D 154 -1.97 19.48 2.75
CA THR D 154 -1.10 18.30 2.76
C THR D 154 -1.73 17.19 1.92
N THR D 155 -1.02 16.75 0.88
CA THR D 155 -1.46 15.60 0.10
C THR D 155 -1.50 14.35 0.99
N GLN D 156 -2.62 13.65 0.97
CA GLN D 156 -2.76 12.43 1.76
C GLN D 156 -2.10 11.27 1.03
N THR D 157 -1.34 10.45 1.77
CA THR D 157 -0.62 9.34 1.15
C THR D 157 -1.07 7.98 1.67
N THR D 158 -2.08 7.94 2.52
CA THR D 158 -2.57 6.71 3.07
C THR D 158 -4.05 6.90 3.42
N GLY D 159 -4.74 5.79 3.62
CA GLY D 159 -6.14 5.83 4.05
C GLY D 159 -7.14 6.00 2.92
N ILE D 160 -6.72 5.81 1.66
CA ILE D 160 -7.56 6.10 0.49
C ILE D 160 -7.95 4.81 -0.19
N GLU D 161 -9.25 4.65 -0.47
CA GLU D 161 -9.77 3.53 -1.22
CA GLU D 161 -9.75 3.52 -1.23
C GLU D 161 -10.65 4.05 -2.34
N ASN D 162 -10.50 3.46 -3.53
CA ASN D 162 -11.22 3.89 -4.73
C ASN D 162 -12.03 2.75 -5.31
N SER D 163 -13.22 3.08 -5.79
CA SER D 163 -14.10 2.07 -6.34
C SER D 163 -14.85 2.61 -7.55
N LYS D 164 -14.83 1.89 -8.65
CA LYS D 164 -15.32 2.41 -9.95
C LYS D 164 -16.48 1.57 -10.48
N THR D 165 -17.53 2.22 -10.98
CA THR D 165 -18.63 1.49 -11.60
C THR D 165 -18.22 1.02 -13.00
N PRO D 166 -18.87 0.00 -13.54
CA PRO D 166 -18.58 -0.34 -14.94
C PRO D 166 -19.09 0.76 -15.86
N GLN D 167 -18.63 0.70 -17.09
CA GLN D 167 -19.08 1.67 -18.08
C GLN D 167 -20.59 1.66 -18.22
N ASN D 168 -21.16 2.85 -18.29
CA ASN D 168 -22.58 3.01 -18.41
C ASN D 168 -23.06 2.44 -19.75
N SER D 169 -24.12 1.65 -19.70
CA SER D 169 -24.59 0.96 -20.90
C SER D 169 -25.15 1.92 -21.94
N ALA D 170 -25.45 3.16 -21.55
CA ALA D 170 -25.98 4.14 -22.48
C ALA D 170 -24.93 5.11 -23.02
N ASP D 171 -23.98 5.57 -22.22
CA ASP D 171 -23.06 6.61 -22.71
C ASP D 171 -21.59 6.31 -22.44
N CYS D 172 -21.27 5.12 -21.96
CA CYS D 172 -19.92 4.61 -21.83
C CYS D 172 -19.17 5.23 -20.63
N THR D 173 -19.83 6.07 -19.83
CA THR D 173 -19.09 6.80 -18.80
C THR D 173 -18.93 5.97 -17.52
N TYR D 174 -17.92 6.36 -16.73
CA TYR D 174 -17.68 5.76 -15.42
C TYR D 174 -18.21 6.68 -14.33
N ASN D 175 -18.30 6.11 -13.13
CA ASN D 175 -18.46 6.83 -11.88
C ASN D 175 -17.46 6.24 -10.88
N LEU D 176 -16.96 7.07 -10.00
CA LEU D 176 -15.91 6.65 -9.08
C LEU D 176 -16.27 7.13 -7.69
N SER D 177 -16.10 6.27 -6.68
CA SER D 177 -16.20 6.67 -5.30
C SER D 177 -14.83 6.55 -4.67
N SER D 178 -14.35 7.63 -4.04
CA SER D 178 -13.06 7.61 -3.36
C SER D 178 -13.29 7.93 -1.89
N THR D 179 -12.74 7.11 -1.01
CA THR D 179 -12.94 7.37 0.42
C THR D 179 -11.59 7.64 1.06
N LEU D 180 -11.58 8.60 1.96
CA LEU D 180 -10.43 8.92 2.81
C LEU D 180 -10.82 8.62 4.24
N THR D 181 -10.07 7.71 4.90
CA THR D 181 -10.37 7.29 6.28
C THR D 181 -9.28 7.83 7.20
N LEU D 182 -9.68 8.49 8.29
CA LEU D 182 -8.77 9.14 9.22
C LEU D 182 -9.22 8.81 10.64
N THR D 183 -8.29 8.89 11.61
CA THR D 183 -8.78 8.78 12.98
C THR D 183 -9.58 10.04 13.30
N SER D 184 -10.43 9.97 14.32
CA SER D 184 -11.17 11.16 14.70
C SER D 184 -10.23 12.26 15.20
N THR D 185 -9.18 11.88 15.92
CA THR D 185 -8.15 12.87 16.30
C THR D 185 -7.57 13.60 15.08
N GLN D 186 -7.23 12.87 14.05
CA GLN D 186 -6.75 13.51 12.83
C GLN D 186 -7.82 14.43 12.25
N TYR D 187 -9.04 13.93 12.09
CA TYR D 187 -10.07 14.71 11.42
C TYR D 187 -10.33 16.02 12.16
N ASN D 188 -10.42 15.97 13.50
CA ASN D 188 -10.74 17.15 14.31
C ASN D 188 -9.58 18.12 14.40
N SER D 189 -8.40 17.72 13.93
CA SER D 189 -7.22 18.58 14.01
CA SER D 189 -7.23 18.60 14.02
C SER D 189 -7.03 19.44 12.77
N HIS D 190 -7.83 19.25 11.72
CA HIS D 190 -7.64 19.98 10.48
C HIS D 190 -8.96 20.57 10.04
N LYS D 191 -8.87 21.55 9.13
CA LYS D 191 -10.05 22.31 8.74
C LYS D 191 -10.53 22.01 7.33
N GLU D 192 -9.65 22.07 6.34
CA GLU D 192 -10.05 22.04 4.94
C GLU D 192 -9.80 20.66 4.34
N TYR D 193 -10.84 20.05 3.78
CA TYR D 193 -10.76 18.73 3.16
C TYR D 193 -11.08 18.88 1.68
N THR D 194 -10.19 18.38 0.83
CA THR D 194 -10.22 18.62 -0.62
C THR D 194 -10.03 17.32 -1.37
N CYS D 195 -10.93 17.04 -2.33
CA CYS D 195 -10.81 15.94 -3.27
CA CYS D 195 -10.67 15.95 -3.27
C CYS D 195 -10.58 16.57 -4.64
N LYS D 196 -9.50 16.18 -5.33
CA LYS D 196 -9.14 16.71 -6.65
C LYS D 196 -9.14 15.56 -7.61
N VAL D 197 -9.89 15.68 -8.69
CA VAL D 197 -10.08 14.62 -9.66
C VAL D 197 -9.49 15.08 -10.97
N THR D 198 -8.49 14.37 -11.46
CA THR D 198 -7.71 14.87 -12.59
C THR D 198 -7.88 13.95 -13.80
N GLN D 199 -8.01 14.57 -14.95
CA GLN D 199 -8.24 13.87 -16.20
C GLN D 199 -7.35 14.58 -17.23
N GLY D 200 -6.16 14.05 -17.43
CA GLY D 200 -5.18 14.71 -18.29
C GLY D 200 -4.80 16.09 -17.76
N THR D 201 -5.04 17.11 -18.57
CA THR D 201 -4.71 18.47 -18.14
C THR D 201 -5.85 19.17 -17.45
N THR D 202 -6.96 18.46 -17.19
CA THR D 202 -8.12 19.02 -16.53
C THR D 202 -8.16 18.51 -15.10
N SER D 203 -8.51 19.38 -14.15
CA SER D 203 -8.79 18.90 -12.80
C SER D 203 -10.11 19.51 -12.34
N VAL D 204 -10.90 18.73 -11.58
CA VAL D 204 -12.12 19.23 -10.97
C VAL D 204 -11.98 19.01 -9.46
N VAL D 205 -12.21 20.06 -8.69
CA VAL D 205 -11.82 20.09 -7.28
C VAL D 205 -13.04 20.44 -6.44
N GLN D 206 -13.26 19.68 -5.35
CA GLN D 206 -14.37 19.99 -4.48
C GLN D 206 -13.83 19.96 -3.05
N SER D 207 -14.21 20.94 -2.25
CA SER D 207 -13.72 21.03 -0.86
C SER D 207 -14.84 21.29 0.14
N PHE D 208 -14.54 21.05 1.42
CA PHE D 208 -15.38 21.61 2.47
C PHE D 208 -14.50 21.96 3.67
N ASN D 209 -15.04 22.85 4.53
CA ASN D 209 -14.42 23.21 5.80
CA ASN D 209 -14.40 23.20 5.79
C ASN D 209 -15.13 22.52 6.95
N ARG D 210 -14.38 21.77 7.78
CA ARG D 210 -15.00 20.98 8.85
C ARG D 210 -15.86 21.84 9.75
N GLY D 211 -15.45 23.08 10.01
CA GLY D 211 -16.30 23.99 10.77
C GLY D 211 -17.71 24.17 10.24
N ASP D 212 -17.87 24.19 8.91
CA ASP D 212 -19.13 24.62 8.27
C ASP D 212 -20.16 23.51 8.07
N CYS D 213 -19.91 22.30 8.56
CA CYS D 213 -20.85 21.19 8.38
C CYS D 213 -20.79 20.27 9.59
N GLY E 4 16.53 -24.29 -7.23
CA GLY E 4 16.77 -22.90 -7.58
C GLY E 4 18.04 -22.32 -6.97
N ALA E 6 20.87 -21.43 -8.14
CA ALA E 6 22.13 -22.03 -8.49
C ALA E 6 22.45 -21.99 -9.98
N GLY E 7 21.60 -21.31 -10.76
CA GLY E 7 21.78 -21.23 -12.21
C GLY E 7 21.79 -22.57 -12.92
N GLY F 4 -20.97 -37.49 -26.04
CA GLY F 4 -20.68 -36.13 -26.47
C GLY F 4 -19.42 -35.58 -25.81
N ALA F 6 -16.51 -34.75 -26.84
CA ALA F 6 -15.23 -35.39 -27.19
C ALA F 6 -14.87 -35.25 -28.65
N GLY F 7 -15.71 -34.58 -29.43
CA GLY F 7 -15.41 -34.39 -30.86
C GLY F 7 -15.50 -35.66 -31.69
#